data_4TMV
#
_entry.id   4TMV
#
_cell.length_a   55.640
_cell.length_b   115.850
_cell.length_c   66.090
_cell.angle_alpha   90.000
_cell.angle_beta   101.350
_cell.angle_gamma   90.000
#
_symmetry.space_group_name_H-M   'P 1 21 1'
#
loop_
_entity.id
_entity.type
_entity.pdbx_description
1 polymer eIF5B
2 non-polymer "5'-GUANOSINE-DIPHOSPHATE-MONOTHIOPHOSPHATE"
3 non-polymer 'MAGNESIUM ION'
4 non-polymer 'SODIUM ION'
5 non-polymer GLYCEROL
6 water water
#
_entity_poly.entity_id   1
_entity_poly.type   'polypeptide(L)'
_entity_poly.pdbx_seq_one_letter_code
;GHMNKDNLRSPICCILGHVDTGKTKLLDKIRQTNVQEGEAGGITQQIGATYFPVEAIKQKTAVVNKDGKFEFKVPGLLII
DTPGHESFSNLRSRGSSLCNIAILVVDIMHGLEPQTIESLRLLRERKTPFVVALNKIDRLYGWKKIENNGFRESFALQNK
AVQNEFRNRLDQVKLQFAEQGFNSELFYENKNFARYVSLVPTSAHTGEGIPDMLKLIVQLCQERMASSLMYLSELQATVL
EVKAIEGFGVTIDVILSNGILREGDRIVLCGLEGPIKTNIRALLTPAPMRELRIKGQYIHHKEVKAAQGVKISAPGLEGA
IAGSRLLVVGPDDDEEELEEEVESD
;
_entity_poly.pdbx_strand_id   B,A
#
loop_
_chem_comp.id
_chem_comp.type
_chem_comp.name
_chem_comp.formula
GOL non-polymer GLYCEROL 'C3 H8 O3'
GSP non-polymer 5'-GUANOSINE-DIPHOSPHATE-MONOTHIOPHOSPHATE 'C10 H16 N5 O13 P3 S'
MG non-polymer 'MAGNESIUM ION' 'Mg 2'
NA non-polymer 'SODIUM ION' 'Na 1'
#
# COMPACT_ATOMS: atom_id res chain seq x y z
N GLY A 1 -2.36 32.30 -27.69
CA GLY A 1 -0.93 32.45 -27.78
C GLY A 1 -0.22 31.47 -26.87
N HIS A 2 -0.96 30.51 -26.34
CA HIS A 2 -0.38 29.47 -25.50
C HIS A 2 -0.42 28.07 -26.12
N MET A 3 -1.17 27.88 -27.19
CA MET A 3 -1.18 26.59 -27.88
C MET A 3 -0.18 26.49 -29.03
N ASN A 4 1.10 26.53 -28.69
CA ASN A 4 2.16 26.55 -29.68
C ASN A 4 3.43 25.84 -29.23
N LYS A 5 4.31 25.60 -30.19
CA LYS A 5 5.56 24.88 -29.96
C LYS A 5 6.37 25.39 -28.77
N ASP A 6 6.11 26.61 -28.31
CA ASP A 6 6.87 27.13 -27.18
C ASP A 6 6.27 26.83 -25.79
N ASN A 7 5.12 26.15 -25.77
CA ASN A 7 4.46 25.87 -24.51
C ASN A 7 3.96 24.42 -24.39
N LEU A 8 4.70 23.48 -24.99
CA LEU A 8 4.28 22.11 -25.00
C LEU A 8 4.39 21.42 -23.63
N ARG A 9 3.46 20.49 -23.43
CA ARG A 9 3.38 19.67 -22.23
C ARG A 9 3.67 18.24 -22.57
N SER A 10 4.45 17.52 -21.77
CA SER A 10 4.55 16.08 -21.94
C SER A 10 3.35 15.39 -21.31
N PRO A 11 2.56 14.60 -22.05
CA PRO A 11 1.36 13.99 -21.42
C PRO A 11 1.67 12.82 -20.55
N ILE A 12 0.64 12.29 -19.90
CA ILE A 12 0.80 11.16 -18.98
C ILE A 12 0.01 9.96 -19.47
N CYS A 13 0.67 8.80 -19.57
CA CYS A 13 0.04 7.58 -20.02
C CYS A 13 0.08 6.59 -18.86
N CYS A 14 -1.05 6.01 -18.49
N CYS A 14 -1.03 5.94 -18.57
CA CYS A 14 -1.06 4.97 -17.44
CA CYS A 14 -0.96 4.88 -17.57
C CYS A 14 -1.11 3.59 -18.07
C CYS A 14 -0.73 3.57 -18.25
N ILE A 15 -0.38 2.63 -17.48
N ILE A 15 -0.27 2.59 -17.47
CA ILE A 15 -0.46 1.26 -17.94
CA ILE A 15 -0.42 1.21 -17.87
C ILE A 15 -1.18 0.47 -16.84
C ILE A 15 -1.27 0.53 -16.79
N LEU A 16 -2.31 -0.16 -17.24
CA LEU A 16 -3.25 -0.83 -16.31
C LEU A 16 -3.46 -2.25 -16.76
N GLY A 17 -3.89 -3.12 -15.89
CA GLY A 17 -4.17 -4.49 -16.31
C GLY A 17 -4.14 -5.47 -15.16
N HIS A 18 -4.58 -6.69 -15.43
CA HIS A 18 -4.71 -7.72 -14.41
C HIS A 18 -3.34 -8.14 -13.91
N VAL A 19 -3.32 -8.78 -12.76
CA VAL A 19 -2.07 -9.17 -12.16
C VAL A 19 -1.27 -10.06 -13.10
N ASP A 20 0.02 -9.79 -13.16
CA ASP A 20 1.01 -10.60 -13.89
C ASP A 20 0.84 -10.60 -15.42
N THR A 21 0.17 -9.58 -15.95
CA THR A 21 -0.04 -9.50 -17.39
C THR A 21 1.18 -8.98 -18.16
N GLY A 22 2.16 -8.46 -17.43
CA GLY A 22 3.35 -7.91 -18.06
C GLY A 22 3.54 -6.40 -18.11
N LYS A 23 2.78 -5.65 -17.34
CA LYS A 23 2.89 -4.20 -17.40
C LYS A 23 4.29 -3.70 -17.04
N THR A 24 4.85 -4.20 -15.94
CA THR A 24 6.19 -3.82 -15.56
C THR A 24 7.25 -4.33 -16.54
N LYS A 25 7.05 -5.56 -17.00
CA LYS A 25 8.00 -6.16 -17.96
C LYS A 25 8.00 -5.37 -19.28
N LEU A 26 6.82 -4.95 -19.75
CA LEU A 26 6.82 -4.10 -20.94
C LEU A 26 7.65 -2.84 -20.69
N LEU A 27 7.41 -2.17 -19.54
CA LEU A 27 8.20 -0.98 -19.32
C LEU A 27 9.68 -1.24 -19.16
N ASP A 28 10.08 -2.39 -18.58
CA ASP A 28 11.46 -2.71 -18.49
C ASP A 28 12.10 -2.90 -19.87
N LYS A 29 11.30 -3.46 -20.80
CA LYS A 29 11.87 -3.71 -22.16
C LYS A 29 12.07 -2.33 -22.86
N ILE A 30 11.15 -1.41 -22.62
CA ILE A 30 11.29 -0.05 -23.19
C ILE A 30 12.46 0.71 -22.57
N ARG A 31 12.54 0.71 -21.23
CA ARG A 31 13.64 1.35 -20.54
C ARG A 31 15.01 0.71 -20.72
N GLN A 32 15.04 -0.61 -20.94
CA GLN A 32 16.22 -1.47 -20.80
C GLN A 32 16.66 -1.53 -19.35
N THR A 33 15.68 -1.89 -18.51
CA THR A 33 15.91 -2.10 -17.08
C THR A 33 15.38 -3.46 -16.62
N ASN A 34 15.61 -3.74 -15.33
CA ASN A 34 15.17 -4.97 -14.69
C ASN A 34 14.45 -4.72 -13.36
N VAL A 35 13.55 -3.77 -13.39
CA VAL A 35 12.76 -3.46 -12.21
C VAL A 35 11.93 -4.68 -11.76
N GLN A 36 11.35 -5.40 -12.70
CA GLN A 36 10.45 -6.50 -12.33
C GLN A 36 11.17 -7.57 -11.48
N GLU A 37 12.40 -7.86 -11.87
CA GLU A 37 13.18 -8.87 -11.17
C GLU A 37 13.52 -8.45 -9.75
N GLY A 38 13.50 -7.13 -9.49
CA GLY A 38 13.85 -6.59 -8.18
C GLY A 38 12.65 -6.51 -7.21
N GLU A 39 11.44 -6.65 -7.74
CA GLU A 39 10.24 -6.59 -6.91
C GLU A 39 10.07 -7.84 -6.06
N ALA A 40 9.71 -7.66 -4.80
CA ALA A 40 9.45 -8.82 -3.97
C ALA A 40 8.25 -9.53 -4.55
N GLY A 41 8.40 -10.82 -4.80
CA GLY A 41 7.30 -11.63 -5.27
C GLY A 41 6.95 -11.30 -6.72
N GLY A 42 7.76 -10.46 -7.34
CA GLY A 42 7.48 -9.97 -8.67
C GLY A 42 6.17 -9.19 -8.71
N ILE A 43 5.83 -8.55 -7.61
CA ILE A 43 4.58 -7.83 -7.48
C ILE A 43 4.82 -6.33 -7.37
N THR A 44 4.15 -5.56 -8.21
CA THR A 44 4.26 -4.12 -8.11
C THR A 44 3.32 -3.66 -6.99
N GLN A 45 3.85 -2.90 -6.04
CA GLN A 45 3.02 -2.47 -4.90
C GLN A 45 2.87 -0.94 -4.81
N GLN A 46 3.42 -0.23 -5.78
CA GLN A 46 3.39 1.24 -5.74
C GLN A 46 3.20 1.74 -7.13
N ILE A 47 2.66 2.97 -7.24
CA ILE A 47 2.65 3.63 -8.51
C ILE A 47 4.07 4.01 -8.90
N GLY A 48 4.41 3.69 -10.18
CA GLY A 48 5.75 4.03 -10.71
C GLY A 48 5.59 5.13 -11.74
N ALA A 49 6.68 5.83 -12.01
CA ALA A 49 6.63 6.79 -13.14
C ALA A 49 7.95 6.84 -13.84
N THR A 50 7.94 6.79 -15.18
CA THR A 50 9.15 6.86 -16.01
C THR A 50 8.98 7.93 -17.07
N TYR A 51 9.93 8.83 -17.18
CA TYR A 51 9.84 9.84 -18.25
C TYR A 51 10.59 9.42 -19.49
N PHE A 52 9.93 9.57 -20.66
CA PHE A 52 10.58 9.27 -21.94
C PHE A 52 10.65 10.52 -22.78
N PRO A 53 11.82 11.09 -23.01
CA PRO A 53 11.96 12.23 -23.92
C PRO A 53 11.55 11.78 -25.33
N VAL A 54 11.04 12.71 -26.13
CA VAL A 54 10.56 12.33 -27.46
C VAL A 54 11.72 11.80 -28.34
N GLU A 55 12.95 12.22 -28.11
CA GLU A 55 14.03 11.64 -28.89
C GLU A 55 14.08 10.12 -28.70
N ALA A 56 13.87 9.63 -27.48
CA ALA A 56 13.95 8.18 -27.29
C ALA A 56 12.77 7.48 -27.87
N ILE A 57 11.61 8.14 -27.81
CA ILE A 57 10.47 7.53 -28.43
C ILE A 57 10.62 7.42 -29.96
N LYS A 58 11.21 8.45 -30.57
CA LYS A 58 11.50 8.38 -32.01
C LYS A 58 12.42 7.19 -32.31
N GLN A 59 13.47 7.05 -31.51
CA GLN A 59 14.41 5.94 -31.80
C GLN A 59 13.73 4.60 -31.65
N LYS A 60 12.91 4.47 -30.60
CA LYS A 60 12.29 3.17 -30.31
C LYS A 60 11.08 2.87 -31.21
N THR A 61 10.65 3.82 -32.04
CA THR A 61 9.62 3.54 -33.04
C THR A 61 10.15 3.54 -34.49
N ALA A 62 11.45 3.71 -34.67
CA ALA A 62 12.02 3.81 -36.00
C ALA A 62 11.68 2.62 -36.88
N VAL A 63 11.60 1.43 -36.26
CA VAL A 63 11.33 0.25 -37.08
C VAL A 63 9.87 0.17 -37.58
N VAL A 64 9.01 1.06 -37.06
CA VAL A 64 7.69 1.19 -37.68
C VAL A 64 7.49 2.59 -38.19
N ASN A 65 8.58 3.28 -38.44
CA ASN A 65 8.53 4.61 -39.03
C ASN A 65 9.79 4.76 -39.89
N LYS A 66 10.03 3.78 -40.74
N LYS A 66 10.07 3.78 -40.74
CA LYS A 66 11.31 3.68 -41.41
CA LYS A 66 11.37 3.74 -41.37
C LYS A 66 11.56 4.88 -42.33
C LYS A 66 11.58 4.92 -42.31
N ASP A 67 10.49 5.39 -42.93
CA ASP A 67 10.61 6.48 -43.86
C ASP A 67 10.65 7.82 -43.20
N GLY A 68 10.53 7.81 -41.88
CA GLY A 68 10.64 9.02 -41.09
C GLY A 68 9.51 10.01 -41.26
N LYS A 69 8.37 9.56 -41.78
CA LYS A 69 7.30 10.50 -42.14
C LYS A 69 6.31 10.75 -41.00
N PHE A 70 6.37 9.94 -39.94
CA PHE A 70 5.45 10.18 -38.81
C PHE A 70 5.88 11.44 -38.01
N GLU A 71 4.96 12.39 -37.81
CA GLU A 71 5.36 13.65 -37.17
C GLU A 71 5.15 13.56 -35.66
N PHE A 72 6.26 13.73 -34.92
CA PHE A 72 6.17 13.78 -33.46
C PHE A 72 5.99 15.21 -33.00
N LYS A 73 5.01 15.40 -32.14
CA LYS A 73 4.69 16.75 -31.76
C LYS A 73 4.85 16.94 -30.26
N VAL A 74 4.71 15.88 -29.51
CA VAL A 74 4.88 15.96 -28.05
C VAL A 74 6.38 16.05 -27.76
N PRO A 75 6.75 16.69 -26.64
CA PRO A 75 8.14 16.78 -26.21
C PRO A 75 8.61 15.51 -25.49
N GLY A 76 7.69 14.63 -25.12
CA GLY A 76 8.02 13.45 -24.31
C GLY A 76 6.74 12.93 -23.69
N LEU A 77 6.90 11.87 -22.91
CA LEU A 77 5.75 11.19 -22.32
C LEU A 77 6.10 10.62 -20.98
N LEU A 78 5.26 10.84 -19.95
CA LEU A 78 5.48 10.22 -18.64
C LEU A 78 4.62 8.97 -18.59
N ILE A 79 5.20 7.82 -18.31
CA ILE A 79 4.39 6.60 -18.25
C ILE A 79 4.32 6.08 -16.82
N ILE A 80 3.10 5.85 -16.36
CA ILE A 80 2.84 5.47 -14.98
C ILE A 80 2.59 3.98 -14.92
N ASP A 81 3.33 3.26 -14.08
CA ASP A 81 3.09 1.83 -13.89
C ASP A 81 2.18 1.69 -12.66
N THR A 82 1.26 0.76 -12.70
CA THR A 82 0.33 0.55 -11.59
C THR A 82 0.28 -0.91 -11.22
N PRO A 83 -0.12 -1.19 -9.99
CA PRO A 83 -0.31 -2.57 -9.57
C PRO A 83 -1.48 -3.21 -10.18
N GLY A 84 -1.37 -4.48 -10.56
CA GLY A 84 -2.52 -5.28 -10.97
C GLY A 84 -3.16 -6.12 -9.87
N HIS A 85 -2.43 -6.31 -8.74
CA HIS A 85 -2.96 -7.19 -7.73
C HIS A 85 -4.32 -6.69 -7.21
N GLU A 86 -5.22 -7.61 -6.92
CA GLU A 86 -6.60 -7.22 -6.60
C GLU A 86 -6.65 -6.16 -5.48
N SER A 87 -5.69 -6.25 -4.52
CA SER A 87 -5.80 -5.41 -3.30
C SER A 87 -5.44 -3.94 -3.54
N PHE A 88 -5.01 -3.55 -4.74
CA PHE A 88 -4.53 -2.19 -4.97
C PHE A 88 -5.50 -1.38 -5.84
N SER A 89 -6.79 -1.61 -5.67
CA SER A 89 -7.73 -0.80 -6.47
C SER A 89 -7.52 0.71 -6.17
N ASN A 90 -7.17 1.12 -4.94
CA ASN A 90 -6.95 2.52 -4.69
C ASN A 90 -5.84 3.12 -5.54
N LEU A 91 -4.76 2.36 -5.79
CA LEU A 91 -3.70 2.91 -6.57
C LEU A 91 -3.96 2.86 -8.07
N ARG A 92 -4.74 1.88 -8.52
CA ARG A 92 -5.22 1.96 -9.93
C ARG A 92 -6.11 3.19 -10.10
N SER A 93 -7.00 3.46 -9.13
N SER A 93 -6.99 3.42 -9.14
CA SER A 93 -7.86 4.66 -9.25
CA SER A 93 -7.84 4.63 -9.23
C SER A 93 -7.02 5.94 -9.22
C SER A 93 -6.95 5.85 -9.29
N ARG A 94 -6.02 5.97 -8.36
CA ARG A 94 -5.13 7.15 -8.32
C ARG A 94 -4.34 7.34 -9.60
N GLY A 95 -3.74 6.26 -10.09
CA GLY A 95 -3.03 6.36 -11.35
C GLY A 95 -3.93 6.79 -12.49
N SER A 96 -5.10 6.15 -12.61
N SER A 96 -5.11 6.18 -12.62
CA SER A 96 -6.01 6.49 -13.70
CA SER A 96 -5.98 6.53 -13.73
C SER A 96 -6.41 7.96 -13.59
C SER A 96 -6.58 7.95 -13.60
N SER A 97 -6.62 8.50 -12.38
CA SER A 97 -7.01 9.91 -12.20
C SER A 97 -5.95 10.87 -12.73
N LEU A 98 -4.70 10.39 -12.78
CA LEU A 98 -3.61 11.22 -13.23
C LEU A 98 -3.36 11.19 -14.74
N CYS A 99 -3.80 10.12 -15.37
N CYS A 99 -3.83 10.12 -15.38
CA CYS A 99 -3.36 9.93 -16.77
CA CYS A 99 -3.39 9.76 -16.76
C CYS A 99 -4.27 10.67 -17.72
C CYS A 99 -4.31 10.34 -17.83
N ASN A 100 -3.68 10.88 -18.88
CA ASN A 100 -4.44 11.50 -19.97
C ASN A 100 -4.80 10.46 -21.08
N ILE A 101 -4.00 9.42 -21.23
CA ILE A 101 -4.20 8.34 -22.16
C ILE A 101 -3.71 7.07 -21.45
N ALA A 102 -3.96 5.89 -22.02
CA ALA A 102 -3.58 4.68 -21.29
C ALA A 102 -3.30 3.51 -22.22
N ILE A 103 -2.54 2.56 -21.66
CA ILE A 103 -2.39 1.23 -22.27
C ILE A 103 -3.09 0.26 -21.35
N LEU A 104 -4.03 -0.53 -21.83
CA LEU A 104 -4.63 -1.62 -21.04
C LEU A 104 -3.98 -2.90 -21.47
N VAL A 105 -3.31 -3.60 -20.54
CA VAL A 105 -2.59 -4.82 -20.93
C VAL A 105 -3.46 -6.03 -20.71
N VAL A 106 -3.50 -6.91 -21.69
CA VAL A 106 -4.28 -8.11 -21.64
C VAL A 106 -3.33 -9.23 -21.98
N ASP A 107 -3.28 -10.29 -21.19
CA ASP A 107 -2.46 -11.43 -21.56
C ASP A 107 -3.23 -12.19 -22.65
N ILE A 108 -2.65 -12.24 -23.88
CA ILE A 108 -3.34 -12.89 -24.97
C ILE A 108 -3.75 -14.36 -24.68
N MET A 109 -3.04 -14.96 -23.72
CA MET A 109 -3.32 -16.36 -23.41
C MET A 109 -4.48 -16.51 -22.44
N HIS A 110 -4.86 -15.43 -21.75
CA HIS A 110 -5.93 -15.51 -20.74
C HIS A 110 -7.14 -14.62 -21.04
N GLY A 111 -6.99 -13.64 -21.93
CA GLY A 111 -8.07 -12.69 -22.15
C GLY A 111 -8.42 -11.75 -21.02
N LEU A 112 -9.66 -11.26 -21.05
CA LEU A 112 -10.08 -10.30 -20.03
C LEU A 112 -10.25 -10.98 -18.71
N GLU A 113 -9.70 -10.36 -17.65
N GLU A 113 -9.71 -10.38 -17.64
CA GLU A 113 -9.67 -10.92 -16.29
CA GLU A 113 -9.87 -10.93 -16.30
C GLU A 113 -10.26 -9.85 -15.35
C GLU A 113 -10.36 -9.85 -15.35
N PRO A 114 -10.57 -10.18 -14.07
CA PRO A 114 -11.27 -9.17 -13.27
C PRO A 114 -10.67 -7.77 -13.20
N GLN A 115 -9.36 -7.64 -13.01
CA GLN A 115 -8.78 -6.32 -12.96
C GLN A 115 -8.69 -5.69 -14.33
N THR A 116 -8.81 -6.49 -15.43
CA THR A 116 -8.99 -5.88 -16.75
C THR A 116 -10.32 -5.10 -16.80
N ILE A 117 -11.38 -5.73 -16.31
CA ILE A 117 -12.72 -5.14 -16.25
C ILE A 117 -12.74 -3.93 -15.35
N GLU A 118 -12.11 -4.04 -14.19
CA GLU A 118 -12.03 -2.90 -13.30
C GLU A 118 -11.33 -1.73 -14.00
N SER A 119 -10.21 -2.00 -14.68
CA SER A 119 -9.43 -0.96 -15.34
C SER A 119 -10.21 -0.37 -16.51
N LEU A 120 -10.94 -1.20 -17.26
N LEU A 120 -10.89 -1.21 -17.26
CA LEU A 120 -11.79 -0.69 -18.35
CA LEU A 120 -11.73 -0.72 -18.35
C LEU A 120 -12.79 0.30 -17.82
C LEU A 120 -12.77 0.28 -17.82
N ARG A 121 -13.37 0.01 -16.67
CA ARG A 121 -14.35 0.93 -16.09
C ARG A 121 -13.67 2.25 -15.71
N LEU A 122 -12.49 2.15 -15.14
CA LEU A 122 -11.79 3.42 -14.75
C LEU A 122 -11.56 4.29 -16.00
N LEU A 123 -11.13 3.63 -17.07
CA LEU A 123 -10.83 4.40 -18.31
C LEU A 123 -12.07 5.00 -18.92
N ARG A 124 -13.12 4.22 -19.00
CA ARG A 124 -14.37 4.71 -19.56
C ARG A 124 -14.98 5.88 -18.71
N GLU A 125 -14.88 5.81 -17.39
N GLU A 125 -14.91 5.81 -17.39
CA GLU A 125 -15.45 6.83 -16.52
CA GLU A 125 -15.51 6.86 -16.57
C GLU A 125 -14.84 8.18 -16.82
C GLU A 125 -14.83 8.20 -16.74
N ARG A 126 -13.54 8.19 -17.12
CA ARG A 126 -12.84 9.43 -17.37
C ARG A 126 -12.69 9.73 -18.85
N LYS A 127 -13.30 8.90 -19.71
CA LYS A 127 -13.21 9.03 -21.18
C LYS A 127 -11.73 9.07 -21.57
N THR A 128 -10.93 8.24 -20.93
CA THR A 128 -9.49 8.25 -21.27
C THR A 128 -9.25 7.46 -22.56
N PRO A 129 -8.61 8.10 -23.59
CA PRO A 129 -8.27 7.30 -24.77
C PRO A 129 -7.28 6.20 -24.44
N PHE A 130 -7.49 5.01 -24.98
CA PHE A 130 -6.57 3.94 -24.69
C PHE A 130 -6.43 2.97 -25.84
N VAL A 131 -5.32 2.23 -25.82
N VAL A 131 -5.32 2.22 -25.75
CA VAL A 131 -5.17 1.08 -26.71
CA VAL A 131 -4.96 1.13 -26.63
C VAL A 131 -4.91 -0.10 -25.81
C VAL A 131 -4.77 -0.11 -25.80
N VAL A 132 -4.98 -1.28 -26.38
CA VAL A 132 -4.79 -2.52 -25.63
C VAL A 132 -3.57 -3.21 -26.11
N ALA A 133 -2.66 -3.50 -25.20
CA ALA A 133 -1.48 -4.33 -25.52
C ALA A 133 -1.90 -5.79 -25.27
N LEU A 134 -1.94 -6.57 -26.35
N LEU A 134 -1.98 -6.59 -26.33
CA LEU A 134 -2.26 -7.98 -26.31
CA LEU A 134 -2.30 -8.00 -26.20
C LEU A 134 -0.98 -8.76 -26.07
C LEU A 134 -0.96 -8.67 -26.06
N ASN A 135 -0.50 -8.79 -24.83
CA ASN A 135 0.83 -9.20 -24.43
C ASN A 135 1.08 -10.71 -24.42
N LYS A 136 2.36 -11.07 -24.41
CA LYS A 136 2.83 -12.46 -24.35
C LYS A 136 2.61 -13.29 -25.62
N ILE A 137 2.71 -12.65 -26.77
CA ILE A 137 2.54 -13.35 -28.04
C ILE A 137 3.62 -14.42 -28.23
N ASP A 138 4.76 -14.27 -27.56
CA ASP A 138 5.81 -15.26 -27.69
C ASP A 138 5.37 -16.65 -27.12
N ARG A 139 4.25 -16.69 -26.39
CA ARG A 139 3.71 -17.94 -25.86
C ARG A 139 2.86 -18.71 -26.88
N LEU A 140 2.56 -18.08 -28.01
CA LEU A 140 1.97 -18.82 -29.13
C LEU A 140 2.93 -19.96 -29.52
N TYR A 141 2.39 -21.16 -29.68
CA TYR A 141 3.25 -22.31 -29.84
C TYR A 141 4.01 -22.34 -31.17
N GLY A 142 5.34 -22.23 -31.12
CA GLY A 142 6.11 -22.16 -32.33
C GLY A 142 6.43 -20.73 -32.76
N TRP A 143 6.09 -19.75 -31.93
CA TRP A 143 6.43 -18.36 -32.22
C TRP A 143 7.92 -18.22 -32.60
N LYS A 144 8.22 -17.52 -33.71
CA LYS A 144 9.60 -17.31 -34.17
C LYS A 144 9.93 -15.81 -34.03
N LYS A 145 10.83 -15.44 -33.12
CA LYS A 145 11.04 -14.01 -32.82
C LYS A 145 12.13 -13.33 -33.61
N ILE A 146 11.94 -12.01 -33.79
CA ILE A 146 13.03 -11.09 -34.12
C ILE A 146 12.98 -9.99 -33.07
N GLU A 147 14.04 -9.87 -32.26
CA GLU A 147 13.97 -8.99 -31.07
C GLU A 147 13.62 -7.57 -31.46
N ASN A 148 12.64 -6.99 -30.75
CA ASN A 148 12.26 -5.56 -30.90
C ASN A 148 11.70 -5.22 -32.29
N ASN A 149 11.19 -6.21 -33.00
CA ASN A 149 10.56 -5.95 -34.30
C ASN A 149 9.16 -5.33 -34.20
N GLY A 150 8.77 -4.71 -35.29
CA GLY A 150 7.37 -4.35 -35.44
C GLY A 150 6.52 -5.61 -35.51
N PHE A 151 5.30 -5.56 -35.03
CA PHE A 151 4.46 -6.75 -35.00
C PHE A 151 4.20 -7.28 -36.38
N ARG A 152 3.85 -6.42 -37.33
CA ARG A 152 3.55 -6.98 -38.65
C ARG A 152 4.71 -7.64 -39.34
N GLU A 153 5.91 -7.08 -39.24
N GLU A 153 5.91 -7.04 -39.26
CA GLU A 153 7.04 -7.72 -39.93
CA GLU A 153 7.13 -7.65 -39.85
C GLU A 153 7.27 -9.10 -39.28
C GLU A 153 7.35 -9.05 -39.27
N SER A 154 7.15 -9.21 -37.97
CA SER A 154 7.39 -10.52 -37.33
C SER A 154 6.24 -11.50 -37.64
N PHE A 155 4.99 -11.03 -37.62
CA PHE A 155 3.84 -11.92 -37.81
C PHE A 155 3.89 -12.54 -39.21
N ALA A 156 4.39 -11.78 -40.21
CA ALA A 156 4.53 -12.28 -41.58
C ALA A 156 5.42 -13.54 -41.69
N LEU A 157 6.32 -13.71 -40.72
CA LEU A 157 7.30 -14.79 -40.73
C LEU A 157 6.81 -16.06 -39.99
N GLN A 158 5.62 -15.98 -39.39
CA GLN A 158 5.18 -17.09 -38.54
C GLN A 158 4.61 -18.24 -39.38
N ASN A 159 4.66 -19.47 -38.85
CA ASN A 159 4.06 -20.60 -39.54
C ASN A 159 2.53 -20.54 -39.41
N LYS A 160 1.88 -21.42 -40.18
CA LYS A 160 0.41 -21.48 -40.24
C LYS A 160 -0.26 -21.81 -38.91
N ALA A 161 0.36 -22.71 -38.14
CA ALA A 161 -0.17 -23.02 -36.82
C ALA A 161 -0.20 -21.78 -35.91
N VAL A 162 0.88 -21.01 -35.90
CA VAL A 162 0.96 -19.81 -35.05
C VAL A 162 -0.09 -18.80 -35.52
N GLN A 163 -0.23 -18.66 -36.84
CA GLN A 163 -1.21 -17.67 -37.36
C GLN A 163 -2.64 -18.06 -36.99
N ASN A 164 -2.95 -19.35 -37.00
CA ASN A 164 -4.27 -19.87 -36.61
C ASN A 164 -4.50 -19.67 -35.13
N GLU A 165 -3.48 -19.99 -34.33
CA GLU A 165 -3.60 -19.80 -32.89
C GLU A 165 -3.84 -18.34 -32.55
N PHE A 166 -3.08 -17.48 -33.19
CA PHE A 166 -3.20 -16.04 -32.94
C PHE A 166 -4.63 -15.59 -33.30
N ARG A 167 -5.11 -16.03 -34.46
CA ARG A 167 -6.44 -15.63 -34.86
C ARG A 167 -7.52 -16.13 -33.89
N ASN A 168 -7.42 -17.36 -33.42
N ASN A 168 -7.41 -17.37 -33.44
CA ASN A 168 -8.41 -17.85 -32.47
CA ASN A 168 -8.38 -17.90 -32.47
C ASN A 168 -8.41 -17.03 -31.18
C ASN A 168 -8.40 -17.09 -31.16
N ARG A 169 -7.22 -16.76 -30.64
CA ARG A 169 -7.11 -16.02 -29.40
C ARG A 169 -7.53 -14.58 -29.58
N LEU A 170 -7.17 -13.99 -30.72
CA LEU A 170 -7.64 -12.64 -31.03
C LEU A 170 -9.18 -12.61 -31.08
N ASP A 171 -9.82 -13.57 -31.74
CA ASP A 171 -11.29 -13.57 -31.86
C ASP A 171 -11.96 -13.70 -30.49
N GLN A 172 -11.41 -14.54 -29.63
CA GLN A 172 -11.95 -14.71 -28.27
C GLN A 172 -11.86 -13.36 -27.52
N VAL A 173 -10.72 -12.67 -27.62
CA VAL A 173 -10.58 -11.41 -26.87
C VAL A 173 -11.54 -10.33 -27.43
N LYS A 174 -11.73 -10.32 -28.75
CA LYS A 174 -12.68 -9.40 -29.36
C LYS A 174 -14.08 -9.68 -28.85
N LEU A 175 -14.44 -10.96 -28.74
CA LEU A 175 -15.77 -11.26 -28.24
C LEU A 175 -15.92 -10.78 -26.78
N GLN A 176 -14.90 -11.04 -25.95
CA GLN A 176 -15.00 -10.56 -24.60
C GLN A 176 -15.13 -9.02 -24.49
N PHE A 177 -14.37 -8.29 -25.29
CA PHE A 177 -14.56 -6.82 -25.32
C PHE A 177 -15.97 -6.44 -25.76
N ALA A 178 -16.50 -7.10 -26.77
CA ALA A 178 -17.86 -6.77 -27.22
C ALA A 178 -18.88 -7.02 -26.10
N GLU A 179 -18.66 -8.07 -25.30
CA GLU A 179 -19.62 -8.38 -24.23
C GLU A 179 -19.63 -7.23 -23.21
N GLN A 180 -18.50 -6.51 -23.13
CA GLN A 180 -18.37 -5.35 -22.24
C GLN A 180 -18.76 -4.05 -22.95
N GLY A 181 -19.22 -4.15 -24.18
CA GLY A 181 -19.67 -2.99 -24.92
C GLY A 181 -18.59 -2.26 -25.71
N PHE A 182 -17.43 -2.89 -25.90
CA PHE A 182 -16.33 -2.23 -26.67
C PHE A 182 -16.15 -2.94 -28.00
N ASN A 183 -16.22 -2.20 -29.08
CA ASN A 183 -15.78 -2.75 -30.34
C ASN A 183 -14.24 -2.66 -30.38
N SER A 184 -13.59 -3.66 -30.95
CA SER A 184 -12.12 -3.69 -31.01
C SER A 184 -11.55 -4.35 -32.30
N GLU A 185 -10.35 -3.91 -32.69
CA GLU A 185 -9.73 -4.40 -33.95
C GLU A 185 -8.25 -4.39 -33.79
N LEU A 186 -7.61 -5.31 -34.50
CA LEU A 186 -6.17 -5.34 -34.56
C LEU A 186 -5.79 -3.97 -35.09
N PHE A 187 -4.74 -3.38 -34.53
CA PHE A 187 -4.49 -1.97 -34.75
C PHE A 187 -4.30 -1.72 -36.30
N TYR A 188 -3.80 -2.40 -37.21
N TYR A 188 -3.69 -2.44 -37.28
CA TYR A 188 -3.72 -2.12 -38.65
CA TYR A 188 -3.50 -2.05 -38.67
C TYR A 188 -5.00 -2.58 -39.41
C TYR A 188 -4.70 -2.42 -39.52
N GLU A 189 -5.93 -3.14 -38.65
N GLU A 189 -5.69 -3.07 -38.93
CA GLU A 189 -7.24 -3.47 -39.24
CA GLU A 189 -6.82 -3.52 -39.74
C GLU A 189 -8.34 -2.52 -38.78
C GLU A 189 -7.85 -2.42 -39.93
N ASN A 190 -7.95 -1.51 -38.02
N ASN A 190 -7.64 -1.69 -41.04
CA ASN A 190 -8.91 -0.59 -37.42
CA ASN A 190 -8.49 -0.58 -41.46
C ASN A 190 -9.21 0.62 -38.29
C ASN A 190 -9.87 -1.06 -41.78
N LYS A 191 -10.43 0.66 -38.81
N LYS A 191 -10.86 -0.29 -41.35
CA LYS A 191 -10.92 1.78 -39.61
CA LYS A 191 -12.24 -0.73 -41.34
C LYS A 191 -11.04 3.09 -38.84
C LYS A 191 -13.17 0.29 -41.96
N ASN A 192 -11.48 3.02 -37.58
N ASN A 192 -14.38 -0.16 -42.26
CA ASN A 192 -11.48 4.18 -36.71
CA ASN A 192 -15.43 0.68 -42.79
C ASN A 192 -10.93 3.94 -35.32
C ASN A 192 -16.00 1.61 -41.71
N PHE A 193 -10.00 4.78 -34.90
N PHE A 193 -15.65 1.34 -40.45
CA PHE A 193 -9.44 4.69 -33.56
CA PHE A 193 -16.17 2.10 -39.32
C PHE A 193 -10.47 4.94 -32.47
C PHE A 193 -15.04 2.67 -38.47
N ALA A 194 -11.29 5.98 -32.64
N ALA A 194 -15.34 3.71 -37.70
CA ALA A 194 -12.35 6.28 -31.69
CA ALA A 194 -14.32 4.48 -36.98
C ALA A 194 -13.47 5.25 -31.64
C ALA A 194 -14.26 4.49 -35.44
N ARG A 195 -13.88 4.78 -32.83
N ARG A 195 -14.99 3.63 -34.74
CA ARG A 195 -14.99 3.85 -32.92
CA ARG A 195 -15.00 3.71 -33.27
C ARG A 195 -14.67 2.52 -32.26
C ARG A 195 -14.70 2.40 -32.57
N TYR A 196 -13.47 2.03 -32.50
N TYR A 196 -13.46 1.96 -32.66
CA TYR A 196 -13.07 0.73 -32.01
CA TYR A 196 -13.07 0.70 -32.06
C TYR A 196 -11.78 0.88 -31.25
C TYR A 196 -11.78 0.87 -31.28
N VAL A 197 -11.61 0.08 -30.22
N VAL A 197 -11.61 0.07 -30.25
CA VAL A 197 -10.34 0.03 -29.52
CA VAL A 197 -10.35 0.03 -29.54
C VAL A 197 -9.32 -0.63 -30.43
C VAL A 197 -9.32 -0.63 -30.43
N SER A 198 -8.12 -0.05 -30.48
CA SER A 198 -7.04 -0.71 -31.17
C SER A 198 -6.36 -1.73 -30.31
N LEU A 199 -6.11 -2.91 -30.89
CA LEU A 199 -5.44 -4.02 -30.20
C LEU A 199 -4.03 -4.17 -30.81
N VAL A 200 -2.98 -4.05 -30.00
N VAL A 200 -3.03 -4.13 -29.97
CA VAL A 200 -1.59 -4.14 -30.49
CA VAL A 200 -1.65 -4.26 -30.39
C VAL A 200 -0.94 -5.32 -29.81
C VAL A 200 -1.08 -5.47 -29.75
N PRO A 201 -0.64 -6.40 -30.55
CA PRO A 201 0.00 -7.58 -29.94
C PRO A 201 1.46 -7.27 -29.62
N THR A 202 1.89 -7.73 -28.45
CA THR A 202 3.21 -7.42 -27.95
C THR A 202 3.82 -8.63 -27.26
N SER A 203 5.14 -8.54 -27.13
CA SER A 203 5.84 -9.42 -26.20
C SER A 203 6.81 -8.57 -25.43
N ALA A 204 6.64 -8.56 -24.09
CA ALA A 204 7.64 -7.85 -23.28
C ALA A 204 8.95 -8.62 -23.25
N HIS A 205 8.89 -9.92 -23.56
CA HIS A 205 10.13 -10.71 -23.53
C HIS A 205 10.99 -10.49 -24.80
N THR A 206 10.36 -10.48 -25.96
CA THR A 206 11.15 -10.28 -27.20
C THR A 206 11.18 -8.85 -27.69
N GLY A 207 10.20 -8.05 -27.20
CA GLY A 207 10.13 -6.65 -27.60
C GLY A 207 9.25 -6.47 -28.81
N GLU A 208 8.80 -7.56 -29.43
CA GLU A 208 7.97 -7.42 -30.65
C GLU A 208 6.67 -6.71 -30.32
N GLY A 209 6.29 -5.83 -31.28
CA GLY A 209 5.05 -5.10 -31.06
C GLY A 209 5.20 -3.88 -30.20
N ILE A 210 6.26 -3.78 -29.40
CA ILE A 210 6.43 -2.58 -28.58
C ILE A 210 6.64 -1.32 -29.43
N PRO A 211 7.34 -1.35 -30.57
CA PRO A 211 7.41 -0.13 -31.40
C PRO A 211 6.02 0.30 -31.85
N ASP A 212 5.18 -0.65 -32.25
CA ASP A 212 3.81 -0.29 -32.65
C ASP A 212 3.05 0.34 -31.50
N MET A 213 3.20 -0.21 -30.30
CA MET A 213 2.49 0.32 -29.15
C MET A 213 2.95 1.72 -28.84
N LEU A 214 4.23 1.98 -28.89
CA LEU A 214 4.74 3.33 -28.61
C LEU A 214 4.22 4.33 -29.65
N LYS A 215 4.19 3.92 -30.92
CA LYS A 215 3.68 4.81 -31.95
C LYS A 215 2.20 5.13 -31.62
N LEU A 216 1.43 4.11 -31.25
CA LEU A 216 0.01 4.29 -31.00
C LEU A 216 -0.28 5.24 -29.85
N ILE A 217 0.49 5.13 -28.78
CA ILE A 217 0.30 6.05 -27.67
C ILE A 217 0.62 7.49 -28.04
N VAL A 218 1.64 7.69 -28.87
CA VAL A 218 1.90 9.04 -29.37
C VAL A 218 0.73 9.53 -30.21
N GLN A 219 0.19 8.66 -31.06
CA GLN A 219 -1.03 9.05 -31.80
C GLN A 219 -2.20 9.36 -30.87
N LEU A 220 -2.36 8.60 -29.78
CA LEU A 220 -3.45 8.95 -28.86
C LEU A 220 -3.26 10.34 -28.30
N CYS A 221 -2.04 10.67 -27.91
CA CYS A 221 -1.76 12.01 -27.36
C CYS A 221 -2.06 13.11 -28.34
N GLN A 222 -1.68 12.88 -29.62
CA GLN A 222 -1.72 13.98 -30.59
C GLN A 222 -3.03 14.09 -31.28
N GLU A 223 -3.76 12.98 -31.29
CA GLU A 223 -5.02 12.92 -32.02
C GLU A 223 -6.32 12.68 -31.24
N ARG A 224 -6.24 12.06 -30.06
CA ARG A 224 -7.46 11.75 -29.31
C ARG A 224 -7.61 12.48 -27.99
N MET A 225 -6.48 12.72 -27.34
CA MET A 225 -6.45 13.47 -26.10
C MET A 225 -6.88 14.90 -26.38
N ALA A 226 -7.57 15.53 -25.43
CA ALA A 226 -7.96 16.92 -25.61
C ALA A 226 -6.74 17.74 -25.99
N SER A 227 -6.92 18.60 -27.02
CA SER A 227 -5.77 19.34 -27.51
C SER A 227 -5.16 20.26 -26.43
N SER A 228 -5.99 20.79 -25.53
CA SER A 228 -5.46 21.67 -24.49
C SER A 228 -4.38 20.96 -23.67
N LEU A 229 -4.46 19.63 -23.55
CA LEU A 229 -3.52 18.89 -22.71
C LEU A 229 -2.15 18.69 -23.41
N MET A 230 -2.06 19.11 -24.67
CA MET A 230 -0.72 19.17 -25.31
C MET A 230 0.11 20.39 -24.89
N TYR A 231 -0.48 21.32 -24.10
CA TYR A 231 0.16 22.57 -23.77
C TYR A 231 0.08 22.76 -22.27
N LEU A 232 1.03 23.52 -21.72
CA LEU A 232 1.06 23.75 -20.28
C LEU A 232 0.06 24.78 -19.83
N SER A 233 -0.62 24.42 -18.75
CA SER A 233 -1.50 25.40 -18.09
C SER A 233 -1.19 25.45 -16.60
N GLU A 234 -2.21 25.70 -15.77
CA GLU A 234 -1.93 25.94 -14.34
C GLU A 234 -1.32 24.72 -13.68
N LEU A 235 -0.52 24.97 -12.64
CA LEU A 235 0.11 23.86 -11.94
C LEU A 235 -0.88 22.89 -11.34
N GLN A 236 -0.63 21.59 -11.56
N GLN A 236 -0.61 21.61 -11.57
CA GLN A 236 -1.31 20.53 -10.82
CA GLN A 236 -1.27 20.50 -10.89
C GLN A 236 -0.31 19.43 -10.47
C GLN A 236 -0.19 19.53 -10.46
N ALA A 237 -0.29 19.07 -9.20
CA ALA A 237 0.67 18.10 -8.70
C ALA A 237 0.09 17.24 -7.60
N THR A 238 0.56 16.00 -7.54
CA THR A 238 0.03 15.04 -6.60
C THR A 238 1.15 14.31 -5.89
N VAL A 239 1.07 14.20 -4.56
CA VAL A 239 2.05 13.41 -3.81
C VAL A 239 1.80 11.93 -3.98
N LEU A 240 2.83 11.17 -4.39
CA LEU A 240 2.70 9.71 -4.39
C LEU A 240 3.11 8.97 -3.15
N GLU A 241 4.26 9.34 -2.59
N GLU A 241 4.26 9.35 -2.58
CA GLU A 241 4.90 8.54 -1.55
CA GLU A 241 4.88 8.56 -1.53
C GLU A 241 5.87 9.40 -0.76
C GLU A 241 5.81 9.45 -0.73
N VAL A 242 6.06 9.05 0.51
CA VAL A 242 7.03 9.72 1.36
C VAL A 242 8.15 8.74 1.61
N LYS A 243 9.39 9.15 1.34
N LYS A 243 9.40 9.11 1.38
CA LYS A 243 10.58 8.25 1.41
CA LYS A 243 10.52 8.16 1.61
C LYS A 243 11.79 8.95 2.05
C LYS A 243 11.78 8.89 2.04
N ALA A 244 12.44 8.33 3.04
CA ALA A 244 13.72 8.86 3.50
C ALA A 244 14.82 8.43 2.50
N ILE A 245 15.70 9.34 2.12
CA ILE A 245 16.70 9.09 1.06
C ILE A 245 18.01 9.62 1.64
N GLU A 246 19.07 8.83 1.52
N GLU A 246 19.08 8.83 1.58
CA GLU A 246 20.38 9.26 2.01
CA GLU A 246 20.34 9.28 2.18
C GLU A 246 20.78 10.60 1.39
C GLU A 246 20.88 10.51 1.46
N GLY A 247 21.14 11.56 2.24
CA GLY A 247 21.57 12.86 1.75
C GLY A 247 20.46 13.88 1.57
N PHE A 248 19.23 13.40 1.50
CA PHE A 248 18.15 14.34 1.19
C PHE A 248 17.03 14.44 2.21
N GLY A 249 17.16 13.70 3.30
CA GLY A 249 16.19 13.65 4.37
C GLY A 249 14.94 12.89 3.96
N VAL A 250 13.85 13.20 4.64
CA VAL A 250 12.59 12.61 4.24
C VAL A 250 12.06 13.40 3.02
N THR A 251 11.91 12.73 1.91
CA THR A 251 11.55 13.37 0.64
C THR A 251 10.14 12.97 0.26
N ILE A 252 9.54 13.67 -0.72
CA ILE A 252 8.33 13.17 -1.35
C ILE A 252 8.53 12.92 -2.84
N ASP A 253 7.87 11.86 -3.29
CA ASP A 253 7.77 11.62 -4.74
C ASP A 253 6.44 12.17 -5.20
N VAL A 254 6.47 12.89 -6.32
CA VAL A 254 5.33 13.73 -6.80
C VAL A 254 5.16 13.54 -8.28
N ILE A 255 3.90 13.41 -8.69
CA ILE A 255 3.64 13.55 -10.14
C ILE A 255 3.27 15.00 -10.39
N LEU A 256 4.07 15.68 -11.19
CA LEU A 256 3.73 17.02 -11.67
C LEU A 256 2.91 16.79 -12.93
N SER A 257 1.59 17.04 -12.83
N SER A 257 1.61 17.07 -12.88
CA SER A 257 0.67 16.76 -13.93
CA SER A 257 0.81 16.71 -14.03
C SER A 257 0.58 17.92 -14.90
C SER A 257 0.48 17.93 -14.89
N ASN A 258 0.72 19.14 -14.39
CA ASN A 258 0.62 20.32 -15.25
C ASN A 258 1.40 21.48 -14.65
N GLY A 259 1.66 22.47 -15.48
CA GLY A 259 2.47 23.60 -15.08
C GLY A 259 3.95 23.31 -14.87
N ILE A 260 4.58 24.12 -14.03
CA ILE A 260 6.06 24.09 -13.90
C ILE A 260 6.39 24.19 -12.43
N LEU A 261 7.25 23.30 -11.95
CA LEU A 261 7.73 23.40 -10.55
C LEU A 261 9.14 23.92 -10.58
N ARG A 262 9.52 24.68 -9.55
CA ARG A 262 10.86 25.30 -9.51
C ARG A 262 11.53 25.03 -8.17
N GLU A 263 12.83 24.76 -8.21
CA GLU A 263 13.61 24.78 -6.98
C GLU A 263 13.33 26.11 -6.25
N GLY A 264 13.13 26.04 -4.93
CA GLY A 264 12.89 27.23 -4.13
C GLY A 264 11.40 27.51 -3.92
N ASP A 265 10.54 26.82 -4.68
CA ASP A 265 9.09 27.11 -4.58
C ASP A 265 8.61 26.86 -3.16
N ARG A 266 7.70 27.73 -2.73
CA ARG A 266 6.96 27.61 -1.48
C ARG A 266 5.79 26.65 -1.79
N ILE A 267 5.75 25.49 -1.14
CA ILE A 267 4.71 24.50 -1.44
C ILE A 267 3.86 24.19 -0.25
N VAL A 268 2.60 23.86 -0.53
N VAL A 268 2.60 23.82 -0.52
CA VAL A 268 1.66 23.45 0.54
CA VAL A 268 1.63 23.49 0.53
C VAL A 268 1.08 22.10 0.15
C VAL A 268 0.97 22.16 0.18
N LEU A 269 0.95 21.22 1.13
CA LEU A 269 0.37 19.89 0.88
C LEU A 269 -0.23 19.39 2.19
N CYS A 270 -1.01 18.30 2.15
CA CYS A 270 -1.54 17.76 3.39
C CYS A 270 -0.54 16.96 4.19
N GLY A 271 -0.59 17.16 5.50
CA GLY A 271 0.24 16.41 6.44
C GLY A 271 -0.57 15.83 7.59
N LEU A 272 -0.02 14.80 8.21
CA LEU A 272 -0.63 14.20 9.40
C LEU A 272 -0.77 15.19 10.60
N GLU A 273 0.08 16.21 10.68
CA GLU A 273 0.06 17.12 11.83
C GLU A 273 -0.63 18.39 11.44
N GLY A 274 -1.27 18.35 10.28
CA GLY A 274 -1.89 19.52 9.71
C GLY A 274 -1.15 19.83 8.41
N PRO A 275 -1.56 20.92 7.76
CA PRO A 275 -0.99 21.27 6.47
C PRO A 275 0.50 21.54 6.59
N ILE A 276 1.25 21.12 5.58
CA ILE A 276 2.68 21.34 5.53
C ILE A 276 2.96 22.50 4.60
N LYS A 277 3.71 23.48 5.08
CA LYS A 277 4.17 24.58 4.26
C LYS A 277 5.69 24.59 4.34
N THR A 278 6.33 24.54 3.19
CA THR A 278 7.77 24.40 3.11
C THR A 278 8.31 24.88 1.78
N ASN A 279 9.62 24.82 1.63
CA ASN A 279 10.25 25.33 0.41
C ASN A 279 11.10 24.23 -0.21
N ILE A 280 11.02 24.08 -1.52
CA ILE A 280 11.77 23.05 -2.23
C ILE A 280 13.26 23.38 -2.21
N ARG A 281 14.05 22.57 -1.50
CA ARG A 281 15.48 22.76 -1.48
C ARG A 281 16.21 22.04 -2.61
N ALA A 282 15.75 20.84 -2.94
CA ALA A 282 16.21 20.18 -4.17
C ALA A 282 15.03 19.62 -4.92
N LEU A 283 15.05 19.84 -6.24
CA LEU A 283 14.01 19.39 -7.15
C LEU A 283 14.69 18.37 -8.08
N LEU A 284 14.34 17.11 -7.90
CA LEU A 284 15.10 16.00 -8.51
C LEU A 284 14.25 15.21 -9.49
N THR A 285 14.91 14.62 -10.51
CA THR A 285 14.24 13.55 -11.23
C THR A 285 15.20 12.37 -11.25
N PRO A 286 14.68 11.15 -11.51
CA PRO A 286 15.64 10.10 -11.91
C PRO A 286 16.34 10.48 -13.26
N ALA A 287 17.36 9.71 -13.74
CA ALA A 287 17.73 9.86 -15.15
C ALA A 287 16.59 9.55 -16.08
N PRO A 288 16.65 10.07 -17.33
CA PRO A 288 15.59 9.71 -18.23
C PRO A 288 15.55 8.21 -18.34
N MET A 289 14.32 7.77 -18.52
CA MET A 289 14.00 6.43 -18.71
C MET A 289 14.34 5.52 -17.47
N ARG A 290 14.29 6.11 -16.27
N ARG A 290 14.34 6.12 -16.27
CA ARG A 290 14.42 5.30 -15.06
CA ARG A 290 14.42 5.34 -15.02
C ARG A 290 13.27 5.60 -14.11
C ARG A 290 13.24 5.59 -14.12
N GLU A 291 12.88 4.56 -13.37
CA GLU A 291 11.71 4.66 -12.48
C GLU A 291 11.88 5.60 -11.33
N LEU A 292 10.89 6.44 -11.09
CA LEU A 292 10.80 7.20 -9.86
C LEU A 292 10.71 6.30 -8.61
N ARG A 293 10.10 5.12 -8.68
CA ARG A 293 9.81 4.35 -7.46
C ARG A 293 10.99 3.51 -6.99
N ILE A 294 12.09 3.53 -7.76
CA ILE A 294 13.29 2.71 -7.42
C ILE A 294 14.40 3.67 -6.98
N LYS A 295 15.04 3.41 -5.84
CA LYS A 295 16.12 4.29 -5.43
C LYS A 295 17.27 4.20 -6.46
N GLY A 296 17.79 5.38 -6.85
CA GLY A 296 18.83 5.44 -7.85
C GLY A 296 19.52 6.78 -7.71
N GLN A 297 20.21 7.18 -8.76
CA GLN A 297 20.79 8.52 -8.80
C GLN A 297 19.79 9.52 -9.33
N TYR A 298 20.08 10.76 -9.04
CA TYR A 298 19.15 11.84 -9.36
C TYR A 298 19.82 12.98 -10.11
N ILE A 299 19.05 13.57 -10.99
CA ILE A 299 19.40 14.84 -11.61
C ILE A 299 18.72 15.99 -10.84
N HIS A 300 19.52 17.02 -10.59
CA HIS A 300 18.99 18.26 -9.96
C HIS A 300 18.55 19.26 -11.03
N HIS A 301 17.43 19.92 -10.74
CA HIS A 301 16.87 20.90 -11.69
C HIS A 301 16.53 22.23 -11.00
N LYS A 302 16.73 23.33 -11.69
N LYS A 302 16.70 23.32 -11.72
CA LYS A 302 16.14 24.59 -11.22
CA LYS A 302 16.16 24.59 -11.27
C LYS A 302 14.63 24.60 -11.50
C LYS A 302 14.67 24.73 -11.57
N GLU A 303 14.22 24.00 -12.61
CA GLU A 303 12.79 23.95 -12.97
C GLU A 303 12.46 22.66 -13.72
N VAL A 304 11.24 22.21 -13.54
CA VAL A 304 10.77 20.99 -14.24
C VAL A 304 9.40 21.29 -14.80
N LYS A 305 9.27 21.09 -16.10
CA LYS A 305 8.00 21.36 -16.80
C LYS A 305 7.21 20.08 -16.88
N ALA A 306 5.89 20.18 -16.88
CA ALA A 306 5.05 18.99 -16.81
C ALA A 306 4.90 18.25 -18.13
N ALA A 307 4.55 16.96 -18.10
CA ALA A 307 4.39 16.18 -16.89
C ALA A 307 5.68 15.44 -16.58
N GLN A 308 5.99 15.32 -15.31
CA GLN A 308 7.19 14.61 -14.89
C GLN A 308 6.98 13.96 -13.52
N GLY A 309 7.81 12.98 -13.20
CA GLY A 309 7.83 12.43 -11.87
C GLY A 309 9.04 13.00 -11.17
N VAL A 310 8.82 13.66 -10.04
CA VAL A 310 9.91 14.35 -9.36
C VAL A 310 10.03 13.91 -7.92
N LYS A 311 11.22 14.12 -7.36
CA LYS A 311 11.45 13.90 -5.95
C LYS A 311 11.81 15.28 -5.41
N ILE A 312 11.15 15.62 -4.28
CA ILE A 312 11.40 16.91 -3.63
C ILE A 312 12.06 16.68 -2.27
N SER A 313 13.18 17.39 -2.06
CA SER A 313 13.80 17.51 -0.76
C SER A 313 13.43 18.87 -0.19
N ALA A 314 12.94 18.87 1.06
CA ALA A 314 12.44 20.06 1.73
C ALA A 314 12.30 19.71 3.19
N PRO A 315 12.45 20.70 4.07
CA PRO A 315 12.25 20.45 5.50
C PRO A 315 10.79 20.22 5.78
N GLY A 316 10.50 19.38 6.79
CA GLY A 316 9.14 19.22 7.28
C GLY A 316 8.17 18.30 6.56
N LEU A 317 8.68 17.38 5.76
CA LEU A 317 7.80 16.51 4.99
C LEU A 317 7.42 15.20 5.69
N GLU A 318 7.91 14.98 6.90
CA GLU A 318 7.79 13.69 7.55
C GLU A 318 6.36 13.13 7.52
N GLY A 319 5.38 13.99 7.73
CA GLY A 319 4.02 13.49 7.83
C GLY A 319 3.24 13.69 6.55
N ALA A 320 3.90 13.85 5.41
CA ALA A 320 3.17 14.11 4.17
C ALA A 320 2.22 12.94 3.83
N ILE A 321 1.06 13.27 3.29
CA ILE A 321 0.03 12.27 3.03
C ILE A 321 0.02 11.90 1.53
N ALA A 322 0.16 10.61 1.25
CA ALA A 322 0.11 10.15 -0.14
C ALA A 322 -1.27 10.41 -0.71
N GLY A 323 -1.30 10.95 -1.95
CA GLY A 323 -2.56 11.29 -2.57
C GLY A 323 -2.85 12.77 -2.45
N SER A 324 -2.09 13.45 -1.62
CA SER A 324 -2.36 14.87 -1.41
C SER A 324 -2.16 15.67 -2.68
N ARG A 325 -2.95 16.70 -2.88
CA ARG A 325 -2.54 17.66 -3.88
C ARG A 325 -1.39 18.48 -3.35
N LEU A 326 -0.61 19.11 -4.25
CA LEU A 326 0.51 19.94 -3.87
C LEU A 326 0.32 21.24 -4.60
N LEU A 327 0.30 22.36 -3.85
CA LEU A 327 0.09 23.65 -4.48
C LEU A 327 1.33 24.49 -4.30
N VAL A 328 1.57 25.41 -5.22
CA VAL A 328 2.67 26.32 -5.12
C VAL A 328 2.12 27.66 -4.69
N VAL A 329 2.72 28.24 -3.66
CA VAL A 329 2.29 29.60 -3.22
C VAL A 329 2.91 30.65 -4.11
N GLY A 330 2.08 31.35 -4.85
CA GLY A 330 2.55 32.46 -5.68
C GLY A 330 2.56 33.74 -4.89
N PRO A 331 3.10 34.83 -5.48
CA PRO A 331 3.17 36.15 -4.86
C PRO A 331 1.84 36.71 -4.35
N ASP A 332 0.73 36.48 -5.05
CA ASP A 332 -0.57 37.03 -4.63
C ASP A 332 -1.44 36.01 -3.91
N ASP A 333 -0.90 34.83 -3.61
CA ASP A 333 -1.67 33.83 -2.88
C ASP A 333 -1.63 34.04 -1.38
N ASP A 334 -2.71 33.65 -0.74
N ASP A 334 -2.73 33.73 -0.72
CA ASP A 334 -2.80 33.64 0.69
CA ASP A 334 -2.78 33.73 0.74
C ASP A 334 -2.41 32.23 1.08
C ASP A 334 -2.50 32.32 1.23
N GLU A 335 -1.35 32.11 1.88
CA GLU A 335 -0.87 30.78 2.20
C GLU A 335 -1.93 30.00 3.02
N GLU A 336 -2.66 30.70 3.87
CA GLU A 336 -3.61 30.00 4.71
C GLU A 336 -4.81 29.53 3.89
N GLU A 337 -5.17 30.29 2.85
CA GLU A 337 -6.22 29.89 1.92
C GLU A 337 -5.81 28.60 1.20
N LEU A 338 -4.56 28.55 0.74
CA LEU A 338 -4.02 27.36 0.06
C LEU A 338 -4.03 26.15 0.97
N GLU A 339 -3.74 26.39 2.26
CA GLU A 339 -3.84 25.30 3.24
C GLU A 339 -5.23 24.70 3.28
N GLU A 340 -6.21 25.58 3.37
CA GLU A 340 -7.58 25.14 3.49
C GLU A 340 -7.92 24.39 2.21
N GLU A 341 -7.37 24.86 1.11
CA GLU A 341 -7.67 24.26 -0.17
C GLU A 341 -7.08 22.84 -0.35
N VAL A 342 -5.85 22.57 0.10
CA VAL A 342 -5.33 21.20 -0.04
C VAL A 342 -6.06 20.24 0.89
N GLU A 343 -6.51 20.71 2.05
CA GLU A 343 -7.18 19.82 3.00
C GLU A 343 -8.66 19.65 2.72
N SER A 344 -9.19 20.36 1.74
CA SER A 344 -10.63 20.34 1.48
C SER A 344 -11.08 19.17 0.60
N ASP A 345 -10.25 18.76 -0.36
CA ASP A 345 -10.61 17.68 -1.28
C ASP A 345 -10.89 16.38 -0.51
N LYS B 5 -22.30 -7.78 7.22
CA LYS B 5 -21.10 -7.01 6.93
C LYS B 5 -21.17 -5.66 7.64
N ASP B 6 -22.38 -5.17 7.82
CA ASP B 6 -22.65 -3.92 8.51
C ASP B 6 -22.18 -3.99 9.95
N ASN B 7 -22.32 -5.16 10.55
CA ASN B 7 -22.02 -5.37 11.96
C ASN B 7 -20.67 -6.00 12.27
N LEU B 8 -19.76 -6.01 11.31
CA LEU B 8 -18.44 -6.60 11.52
C LEU B 8 -17.61 -5.87 12.59
N ARG B 9 -16.88 -6.66 13.37
CA ARG B 9 -16.01 -6.14 14.43
C ARG B 9 -14.56 -6.32 14.04
N SER B 10 -13.69 -5.30 14.22
CA SER B 10 -12.27 -5.48 14.01
C SER B 10 -11.70 -6.13 15.28
N PRO B 11 -11.04 -7.28 15.21
CA PRO B 11 -10.54 -7.87 16.47
C PRO B 11 -9.29 -7.21 17.01
N ILE B 12 -8.86 -7.64 18.19
CA ILE B 12 -7.68 -7.07 18.87
C ILE B 12 -6.55 -8.13 18.94
N CYS B 13 -5.39 -7.75 18.43
CA CYS B 13 -4.20 -8.63 18.49
C CYS B 13 -3.17 -7.96 19.36
N CYS B 14 -2.67 -8.65 20.37
N CYS B 14 -2.67 -8.69 20.34
CA CYS B 14 -1.56 -8.10 21.16
CA CYS B 14 -1.48 -8.25 21.06
C CYS B 14 -0.20 -8.65 20.74
C CYS B 14 -0.18 -8.59 20.37
N ILE B 15 0.84 -7.80 20.78
N ILE B 15 0.85 -7.79 20.70
CA ILE B 15 2.17 -8.31 20.44
CA ILE B 15 2.20 -8.22 20.47
C ILE B 15 2.97 -8.29 21.75
C ILE B 15 2.85 -8.32 21.86
N LEU B 16 3.43 -9.50 22.11
CA LEU B 16 4.08 -9.83 23.36
C LEU B 16 5.46 -10.41 23.14
N GLY B 17 6.29 -10.39 24.17
CA GLY B 17 7.65 -10.91 24.05
C GLY B 17 8.63 -10.19 24.94
N HIS B 18 9.78 -10.81 25.06
CA HIS B 18 10.81 -10.44 25.99
C HIS B 18 11.50 -9.06 25.62
N VAL B 19 12.27 -8.22 26.38
N VAL B 19 12.29 -8.23 26.37
CA VAL B 19 12.80 -6.94 25.99
CA VAL B 19 12.83 -6.95 25.98
C VAL B 19 13.65 -7.13 24.74
C VAL B 19 13.65 -7.15 24.73
N ASP B 20 13.44 -6.25 23.77
CA ASP B 20 14.28 -6.03 22.61
C ASP B 20 14.14 -7.15 21.56
N THR B 21 13.07 -7.94 21.68
CA THR B 21 12.82 -9.00 20.71
C THR B 21 12.42 -8.43 19.35
N GLY B 22 11.98 -7.17 19.33
CA GLY B 22 11.56 -6.55 18.09
C GLY B 22 10.08 -6.27 17.90
N LYS B 23 9.31 -6.28 18.97
CA LYS B 23 7.88 -6.07 18.82
C LYS B 23 7.55 -4.72 18.21
N THR B 24 8.16 -3.67 18.73
CA THR B 24 7.92 -2.34 18.18
C THR B 24 8.49 -2.17 16.79
N LYS B 25 9.68 -2.70 16.58
CA LYS B 25 10.34 -2.60 15.26
C LYS B 25 9.48 -3.30 14.21
N LEU B 26 8.89 -4.44 14.55
CA LEU B 26 7.95 -5.12 13.60
C LEU B 26 6.78 -4.21 13.25
N LEU B 27 6.18 -3.62 14.27
CA LEU B 27 5.05 -2.73 13.97
C LEU B 27 5.51 -1.50 13.17
N ASP B 28 6.69 -0.95 13.43
CA ASP B 28 7.17 0.17 12.64
C ASP B 28 7.31 -0.23 11.18
N LYS B 29 7.77 -1.48 10.96
CA LYS B 29 7.97 -1.88 9.55
C LYS B 29 6.60 -1.98 8.84
N ILE B 30 5.61 -2.44 9.56
CA ILE B 30 4.24 -2.56 9.02
C ILE B 30 3.65 -1.20 8.78
N ARG B 31 3.69 -0.35 9.79
CA ARG B 31 3.18 1.03 9.66
C ARG B 31 3.96 1.92 8.75
N GLN B 32 5.24 1.64 8.56
CA GLN B 32 6.20 2.55 7.93
C GLN B 32 6.39 3.81 8.77
N THR B 33 6.68 3.56 10.05
CA THR B 33 7.00 4.59 11.03
C THR B 33 8.32 4.35 11.74
N ASN B 34 8.64 5.30 12.60
N ASN B 34 8.72 5.29 12.58
CA ASN B 34 9.89 5.19 13.36
CA ASN B 34 9.93 5.03 13.37
C ASN B 34 9.70 5.41 14.87
C ASN B 34 9.74 5.33 14.86
N VAL B 35 8.68 4.79 15.43
CA VAL B 35 8.40 4.96 16.86
C VAL B 35 9.58 4.46 17.70
N GLN B 36 10.15 3.33 17.29
CA GLN B 36 11.21 2.75 18.13
C GLN B 36 12.42 3.70 18.27
N GLU B 37 12.79 4.38 17.19
N GLU B 37 12.76 4.41 17.19
CA GLU B 37 13.93 5.30 17.26
CA GLU B 37 13.92 5.31 17.22
C GLU B 37 13.69 6.50 18.18
C GLU B 37 13.68 6.55 18.09
N GLY B 38 12.42 6.82 18.40
CA GLY B 38 12.09 7.96 19.23
C GLY B 38 11.94 7.60 20.69
N GLU B 39 11.91 6.32 20.99
CA GLU B 39 11.77 5.87 22.37
C GLU B 39 13.06 6.09 23.14
N ALA B 40 12.95 6.56 24.37
CA ALA B 40 14.13 6.67 25.20
C ALA B 40 14.62 5.27 25.46
N GLY B 41 15.90 5.04 25.20
CA GLY B 41 16.53 3.77 25.51
C GLY B 41 16.05 2.67 24.59
N GLY B 42 15.29 3.04 23.57
CA GLY B 42 14.65 2.07 22.70
C GLY B 42 13.70 1.18 23.46
N ILE B 43 13.13 1.72 24.54
CA ILE B 43 12.28 0.94 25.43
C ILE B 43 10.84 1.43 25.38
N THR B 44 9.91 0.51 25.17
CA THR B 44 8.49 0.84 25.17
C THR B 44 8.00 0.93 26.61
N GLN B 45 7.34 2.02 26.97
CA GLN B 45 6.97 2.23 28.38
C GLN B 45 5.44 2.35 28.61
N GLN B 46 4.66 2.16 27.54
CA GLN B 46 3.21 2.15 27.69
C GLN B 46 2.60 1.21 26.69
N ILE B 47 1.35 0.89 26.91
CA ILE B 47 0.57 0.17 25.94
C ILE B 47 0.32 1.05 24.72
N GLY B 48 0.57 0.49 23.53
CA GLY B 48 0.32 1.21 22.29
C GLY B 48 -0.84 0.60 21.59
N ALA B 49 -1.45 1.37 20.70
CA ALA B 49 -2.51 0.77 19.86
C ALA B 49 -2.46 1.36 18.47
N THR B 50 -2.50 0.49 17.46
CA THR B 50 -2.49 0.94 16.04
C THR B 50 -3.62 0.21 15.32
N TYR B 51 -4.45 0.97 14.62
CA TYR B 51 -5.49 0.35 13.82
C TYR B 51 -5.05 0.13 12.38
N PHE B 52 -5.26 -1.10 11.91
CA PHE B 52 -4.97 -1.46 10.49
C PHE B 52 -6.21 -1.80 9.78
N PRO B 53 -6.65 -0.94 8.83
CA PRO B 53 -7.79 -1.33 8.01
C PRO B 53 -7.44 -2.56 7.16
N VAL B 54 -8.46 -3.36 6.83
CA VAL B 54 -8.16 -4.58 6.08
C VAL B 54 -7.56 -4.26 4.70
N GLU B 55 -7.91 -3.12 4.09
CA GLU B 55 -7.25 -2.78 2.80
C GLU B 55 -5.75 -2.82 2.93
N ALA B 56 -5.23 -2.29 4.04
CA ALA B 56 -3.78 -2.27 4.19
C ALA B 56 -3.22 -3.66 4.44
N ILE B 57 -3.97 -4.46 5.18
CA ILE B 57 -3.52 -5.83 5.43
C ILE B 57 -3.50 -6.63 4.14
N LYS B 58 -4.49 -6.43 3.26
N LYS B 58 -4.48 -6.38 3.26
CA LYS B 58 -4.48 -7.11 1.97
CA LYS B 58 -4.52 -7.06 1.97
C LYS B 58 -3.25 -6.69 1.18
C LYS B 58 -3.37 -6.67 1.08
N GLN B 59 -2.97 -5.40 1.14
CA GLN B 59 -1.82 -4.93 0.35
C GLN B 59 -0.49 -5.51 0.91
N LYS B 60 -0.40 -5.55 2.23
CA LYS B 60 0.87 -5.97 2.83
C LYS B 60 1.01 -7.48 2.86
N THR B 61 -0.06 -8.22 2.52
CA THR B 61 0.11 -9.68 2.33
C THR B 61 0.04 -10.11 0.86
N ALA B 62 -0.04 -9.14 -0.10
CA ALA B 62 -0.15 -9.55 -1.51
C ALA B 62 0.96 -10.52 -1.99
N VAL B 63 2.21 -10.31 -1.48
CA VAL B 63 3.29 -11.18 -1.96
C VAL B 63 3.17 -12.62 -1.45
N VAL B 64 2.27 -12.87 -0.49
CA VAL B 64 1.93 -14.26 -0.17
C VAL B 64 0.48 -14.63 -0.44
N ASN B 65 -0.12 -13.86 -1.36
CA ASN B 65 -1.48 -14.08 -1.79
C ASN B 65 -1.59 -13.54 -3.19
N LYS B 66 -0.66 -13.94 -4.06
CA LYS B 66 -0.50 -13.27 -5.36
C LYS B 66 -1.72 -13.41 -6.24
N ASP B 67 -2.40 -14.53 -6.13
CA ASP B 67 -3.59 -14.71 -6.98
C ASP B 67 -4.86 -14.05 -6.40
N GLY B 68 -4.76 -13.44 -5.23
CA GLY B 68 -5.86 -12.75 -4.63
C GLY B 68 -6.96 -13.65 -4.13
N LYS B 69 -6.67 -14.93 -3.97
CA LYS B 69 -7.74 -15.83 -3.61
C LYS B 69 -7.96 -16.02 -2.10
N PHE B 70 -7.07 -15.53 -1.22
CA PHE B 70 -7.28 -15.67 0.23
C PHE B 70 -8.45 -14.80 0.66
N GLU B 71 -9.42 -15.36 1.41
CA GLU B 71 -10.65 -14.61 1.70
C GLU B 71 -10.45 -13.82 3.00
N PHE B 72 -10.54 -12.49 2.87
CA PHE B 72 -10.47 -11.62 4.05
C PHE B 72 -11.88 -11.30 4.49
N LYS B 73 -12.10 -11.51 5.77
CA LYS B 73 -13.44 -11.33 6.31
C LYS B 73 -13.47 -10.26 7.37
N VAL B 74 -12.36 -10.04 8.06
CA VAL B 74 -12.32 -8.97 9.08
C VAL B 74 -12.30 -7.61 8.39
N PRO B 75 -12.87 -6.58 9.02
CA PRO B 75 -12.80 -5.23 8.45
C PRO B 75 -11.45 -4.51 8.71
N GLY B 76 -10.66 -5.08 9.61
CA GLY B 76 -9.44 -4.48 10.11
C GLY B 76 -9.04 -5.17 11.41
N LEU B 77 -7.96 -4.65 11.99
CA LEU B 77 -7.37 -5.28 13.18
C LEU B 77 -6.76 -4.18 14.02
N LEU B 78 -7.01 -4.19 15.33
CA LEU B 78 -6.32 -3.29 16.24
C LEU B 78 -5.18 -4.07 16.87
N ILE B 79 -3.96 -3.52 16.71
CA ILE B 79 -2.77 -4.22 17.25
C ILE B 79 -2.19 -3.44 18.43
N ILE B 80 -2.08 -4.14 19.54
CA ILE B 80 -1.64 -3.54 20.81
C ILE B 80 -0.16 -3.84 21.03
N ASP B 81 0.69 -2.81 21.14
CA ASP B 81 2.12 -3.03 21.44
C ASP B 81 2.23 -3.02 22.96
N THR B 82 3.08 -3.89 23.49
CA THR B 82 3.26 -3.94 24.96
C THR B 82 4.73 -3.79 25.32
N PRO B 83 5.02 -3.30 26.52
CA PRO B 83 6.41 -3.24 26.97
C PRO B 83 6.95 -4.61 27.34
N GLY B 84 8.17 -4.92 26.94
CA GLY B 84 8.78 -6.18 27.35
C GLY B 84 9.53 -6.11 28.66
N HIS B 85 9.81 -4.89 29.09
CA HIS B 85 10.66 -4.69 30.26
C HIS B 85 10.03 -5.22 31.63
N GLU B 86 10.61 -5.82 32.71
N GLU B 86 10.60 -5.83 32.71
CA GLU B 86 9.90 -6.43 33.84
CA GLU B 86 9.89 -6.44 33.84
C GLU B 86 9.10 -5.42 34.64
C GLU B 86 9.10 -5.41 34.64
N SER B 87 9.58 -4.19 34.65
N SER B 87 9.58 -4.18 34.64
CA SER B 87 8.96 -3.17 35.46
CA SER B 87 8.96 -3.15 35.44
C SER B 87 7.52 -2.94 35.01
C SER B 87 7.51 -2.95 35.01
N PHE B 88 7.24 -3.33 33.76
CA PHE B 88 5.93 -3.06 33.18
C PHE B 88 5.05 -4.33 33.10
N SER B 89 5.19 -5.25 34.05
CA SER B 89 4.38 -6.45 34.00
C SER B 89 2.88 -6.12 34.12
N ASN B 90 2.53 -5.10 34.89
CA ASN B 90 1.13 -4.68 34.95
C ASN B 90 0.54 -4.29 33.62
N LEU B 91 1.37 -3.72 32.76
CA LEU B 91 0.84 -3.36 31.43
C LEU B 91 0.81 -4.52 30.47
N ARG B 92 1.75 -5.45 30.60
CA ARG B 92 1.64 -6.66 29.82
C ARG B 92 0.38 -7.38 30.19
N SER B 93 0.08 -7.46 31.49
N SER B 93 0.08 -7.48 31.49
CA SER B 93 -1.12 -8.13 31.94
CA SER B 93 -1.13 -8.15 31.90
C SER B 93 -2.38 -7.43 31.44
C SER B 93 -2.35 -7.43 31.33
N ARG B 94 -2.40 -6.09 31.51
CA ARG B 94 -3.56 -5.33 30.98
C ARG B 94 -3.73 -5.51 29.48
N GLY B 95 -2.64 -5.43 28.74
CA GLY B 95 -2.72 -5.62 27.31
C GLY B 95 -3.17 -7.00 26.89
N SER B 96 -2.58 -8.00 27.49
CA SER B 96 -2.97 -9.35 27.21
C SER B 96 -4.45 -9.55 27.56
N SER B 97 -4.96 -8.94 28.63
CA SER B 97 -6.34 -9.14 28.99
C SER B 97 -7.32 -8.62 27.92
N LEU B 98 -6.85 -7.67 27.13
CA LEU B 98 -7.73 -7.06 26.11
C LEU B 98 -7.76 -7.77 24.78
N CYS B 99 -6.77 -8.58 24.50
N CYS B 99 -6.81 -8.66 24.55
CA CYS B 99 -6.67 -9.10 23.15
CA CYS B 99 -6.59 -9.15 23.20
C CYS B 99 -7.51 -10.35 22.93
C CYS B 99 -7.33 -10.45 22.90
N ASN B 100 -7.75 -10.58 21.63
CA ASN B 100 -8.46 -11.76 21.19
C ASN B 100 -7.53 -12.80 20.65
N ILE B 101 -6.44 -12.30 20.10
CA ILE B 101 -5.38 -13.15 19.54
C ILE B 101 -4.07 -12.49 19.81
N ALA B 102 -2.94 -13.19 19.58
CA ALA B 102 -1.67 -12.53 19.84
C ALA B 102 -0.55 -13.02 18.91
N ILE B 103 0.48 -12.18 18.84
CA ILE B 103 1.81 -12.54 18.28
C ILE B 103 2.76 -12.55 19.47
N LEU B 104 3.48 -13.65 19.64
CA LEU B 104 4.55 -13.73 20.62
C LEU B 104 5.85 -13.62 19.88
N VAL B 105 6.65 -12.59 20.14
CA VAL B 105 7.94 -12.40 19.43
C VAL B 105 9.06 -13.05 20.21
N VAL B 106 9.87 -13.85 19.50
CA VAL B 106 11.00 -14.53 20.03
C VAL B 106 12.17 -14.18 19.14
N ASP B 107 13.31 -13.77 19.70
CA ASP B 107 14.51 -13.55 18.88
C ASP B 107 15.03 -14.92 18.47
N ILE B 108 15.05 -15.26 17.16
CA ILE B 108 15.55 -16.58 16.75
C ILE B 108 17.00 -16.89 17.19
N MET B 109 17.77 -15.84 17.49
CA MET B 109 19.17 -16.03 17.80
C MET B 109 19.30 -16.37 19.28
N HIS B 110 18.25 -16.08 20.06
CA HIS B 110 18.30 -16.39 21.54
C HIS B 110 17.29 -17.43 22.05
N GLY B 111 16.24 -17.70 21.29
CA GLY B 111 15.19 -18.61 21.77
C GLY B 111 14.34 -18.06 22.92
N LEU B 112 13.69 -18.93 23.67
CA LEU B 112 12.80 -18.43 24.73
C LEU B 112 13.60 -17.76 25.91
N GLU B 113 13.15 -16.58 26.39
CA GLU B 113 13.80 -15.71 27.44
C GLU B 113 12.81 -15.40 28.59
N PRO B 114 13.29 -14.84 29.76
CA PRO B 114 12.32 -14.78 30.87
C PRO B 114 10.95 -14.15 30.61
N GLN B 115 10.84 -12.99 29.97
CA GLN B 115 9.53 -12.39 29.69
C GLN B 115 8.75 -13.13 28.60
N THR B 116 9.44 -13.98 27.82
CA THR B 116 8.71 -14.92 26.95
C THR B 116 7.93 -15.90 27.83
N ILE B 117 8.57 -16.33 28.91
CA ILE B 117 7.91 -17.29 29.81
C ILE B 117 6.69 -16.72 30.51
N GLU B 118 6.81 -15.48 31.00
CA GLU B 118 5.70 -14.73 31.62
C GLU B 118 4.55 -14.59 30.62
N SER B 119 4.91 -14.22 29.40
CA SER B 119 3.97 -14.03 28.31
C SER B 119 3.23 -15.31 27.95
N LEU B 120 3.95 -16.43 27.90
CA LEU B 120 3.29 -17.72 27.64
C LEU B 120 2.29 -18.07 28.74
N ARG B 121 2.62 -17.76 30.02
CA ARG B 121 1.61 -18.02 31.03
C ARG B 121 0.33 -17.19 30.81
N LEU B 122 0.48 -15.91 30.50
CA LEU B 122 -0.66 -15.05 30.23
C LEU B 122 -1.49 -15.68 29.08
N LEU B 123 -0.81 -16.13 28.04
CA LEU B 123 -1.47 -16.70 26.86
C LEU B 123 -2.18 -17.98 27.17
N ARG B 124 -1.50 -18.82 27.96
CA ARG B 124 -2.08 -20.09 28.39
C ARG B 124 -3.30 -19.86 29.27
N GLU B 125 -3.19 -18.95 30.22
N GLU B 125 -3.16 -18.92 30.20
CA GLU B 125 -4.30 -18.75 31.14
CA GLU B 125 -4.21 -18.62 31.17
C GLU B 125 -5.55 -18.24 30.45
C GLU B 125 -5.53 -18.20 30.49
N ARG B 126 -5.38 -17.41 29.42
N ARG B 126 -5.47 -17.37 29.45
CA ARG B 126 -6.54 -16.80 28.75
CA ARG B 126 -6.71 -16.89 28.84
C ARG B 126 -7.00 -17.55 27.51
C ARG B 126 -7.13 -17.67 27.59
N LYS B 127 -6.35 -18.67 27.21
CA LYS B 127 -6.67 -19.50 26.05
C LYS B 127 -6.62 -18.66 24.77
N THR B 128 -5.66 -17.74 24.71
CA THR B 128 -5.54 -16.85 23.57
C THR B 128 -4.89 -17.53 22.39
N PRO B 129 -5.55 -17.58 21.21
CA PRO B 129 -4.82 -18.11 20.04
C PRO B 129 -3.64 -17.23 19.69
N PHE B 130 -2.49 -17.81 19.38
CA PHE B 130 -1.33 -16.97 19.04
C PHE B 130 -0.43 -17.66 18.05
N VAL B 131 0.34 -16.85 17.36
N VAL B 131 0.35 -16.81 17.42
CA VAL B 131 1.40 -17.38 16.52
CA VAL B 131 1.38 -17.18 16.45
C VAL B 131 2.66 -16.80 17.14
C VAL B 131 2.72 -16.65 17.03
N VAL B 132 3.82 -17.34 16.73
CA VAL B 132 5.10 -16.89 17.23
C VAL B 132 5.86 -16.32 16.04
N ALA B 133 6.37 -15.11 16.18
CA ALA B 133 7.28 -14.55 15.21
C ALA B 133 8.69 -14.84 15.68
N LEU B 134 9.39 -15.59 14.84
N LEU B 134 9.42 -15.67 14.91
CA LEU B 134 10.77 -15.96 15.02
CA LEU B 134 10.82 -15.96 15.22
C LEU B 134 11.63 -14.87 14.40
C LEU B 134 11.56 -14.89 14.45
N ASN B 135 11.79 -13.76 15.11
CA ASN B 135 12.31 -12.52 14.57
C ASN B 135 13.83 -12.48 14.45
N LYS B 136 14.33 -11.52 13.67
CA LYS B 136 15.76 -11.31 13.47
C LYS B 136 16.49 -12.33 12.60
N ILE B 137 15.79 -12.90 11.63
CA ILE B 137 16.39 -13.89 10.75
C ILE B 137 17.54 -13.33 9.93
N ASP B 138 17.56 -12.01 9.76
CA ASP B 138 18.63 -11.36 9.03
C ASP B 138 19.97 -11.55 9.74
N ARG B 139 19.92 -11.91 11.01
CA ARG B 139 21.12 -12.13 11.81
C ARG B 139 21.72 -13.48 11.55
N LEU B 140 21.01 -14.34 10.84
CA LEU B 140 21.63 -15.60 10.35
C LEU B 140 22.82 -15.22 9.48
N TYR B 141 23.99 -15.82 9.75
CA TYR B 141 25.22 -15.30 9.15
C TYR B 141 25.20 -15.53 7.64
N GLY B 142 25.24 -14.45 6.86
CA GLY B 142 25.20 -14.61 5.41
C GLY B 142 23.82 -14.48 4.78
N TRP B 143 22.79 -14.19 5.59
CA TRP B 143 21.45 -13.94 5.06
C TRP B 143 21.44 -12.90 3.91
N LYS B 144 20.75 -13.23 2.83
CA LYS B 144 20.66 -12.35 1.64
C LYS B 144 19.21 -11.91 1.51
N LYS B 145 18.96 -10.62 1.72
CA LYS B 145 17.58 -10.15 1.85
C LYS B 145 16.97 -9.76 0.52
N ILE B 146 15.63 -9.92 0.44
CA ILE B 146 14.82 -9.22 -0.57
C ILE B 146 13.78 -8.49 0.28
N GLU B 147 13.84 -7.18 0.29
CA GLU B 147 13.01 -6.43 1.21
C GLU B 147 11.55 -6.80 1.07
N ASN B 148 10.90 -7.04 2.22
CA ASN B 148 9.44 -7.26 2.29
C ASN B 148 8.93 -8.48 1.54
N ASN B 149 9.82 -9.44 1.37
CA ASN B 149 9.45 -10.67 0.72
C ASN B 149 8.73 -11.65 1.66
N GLY B 150 8.01 -12.60 1.08
CA GLY B 150 7.55 -13.73 1.85
C GLY B 150 8.69 -14.60 2.28
N PHE B 151 8.56 -15.22 3.44
CA PHE B 151 9.68 -16.00 3.97
C PHE B 151 10.11 -17.13 3.05
N ARG B 152 9.17 -17.89 2.52
CA ARG B 152 9.63 -19.04 1.73
C ARG B 152 10.41 -18.66 0.51
N GLU B 153 9.99 -17.62 -0.18
CA GLU B 153 10.68 -17.24 -1.40
C GLU B 153 12.07 -16.78 -1.05
N SER B 154 12.20 -16.04 0.01
CA SER B 154 13.56 -15.61 0.38
C SER B 154 14.40 -16.77 0.86
N PHE B 155 13.77 -17.67 1.61
CA PHE B 155 14.57 -18.79 2.20
C PHE B 155 15.15 -19.63 1.10
N ALA B 156 14.40 -19.76 -0.01
CA ALA B 156 14.85 -20.55 -1.12
C ALA B 156 16.11 -20.05 -1.81
N LEU B 157 16.37 -18.76 -1.65
CA LEU B 157 17.49 -18.09 -2.25
C LEU B 157 18.76 -18.04 -1.38
N GLN B 158 18.68 -18.56 -0.16
CA GLN B 158 19.84 -18.49 0.76
C GLN B 158 20.83 -19.59 0.49
N ASN B 159 22.09 -19.35 0.86
CA ASN B 159 23.08 -20.37 0.67
C ASN B 159 22.92 -21.54 1.70
N LYS B 160 23.59 -22.63 1.45
CA LYS B 160 23.40 -23.84 2.26
C LYS B 160 23.74 -23.63 3.73
N ALA B 161 24.78 -22.85 4.02
CA ALA B 161 25.11 -22.58 5.40
C ALA B 161 23.98 -21.90 6.13
N VAL B 162 23.38 -20.92 5.47
CA VAL B 162 22.30 -20.16 6.09
C VAL B 162 21.12 -21.10 6.29
N GLN B 163 20.86 -21.93 5.29
CA GLN B 163 19.66 -22.81 5.43
C GLN B 163 19.90 -23.80 6.59
N ASN B 164 21.13 -24.27 6.73
CA ASN B 164 21.48 -25.16 7.83
C ASN B 164 21.39 -24.43 9.18
N GLU B 165 21.92 -23.22 9.25
CA GLU B 165 21.86 -22.48 10.51
C GLU B 165 20.38 -22.28 10.92
N PHE B 166 19.54 -21.90 9.97
CA PHE B 166 18.12 -21.71 10.28
C PHE B 166 17.49 -22.99 10.83
N ARG B 167 17.73 -24.13 10.19
N ARG B 167 17.75 -24.13 10.20
CA ARG B 167 17.05 -25.33 10.66
CA ARG B 167 17.17 -25.37 10.67
C ARG B 167 17.53 -25.69 12.07
C ARG B 167 17.65 -25.73 12.09
N ASN B 168 18.82 -25.52 12.35
N ASN B 168 18.93 -25.47 12.35
CA ASN B 168 19.35 -25.82 13.66
CA ASN B 168 19.50 -25.73 13.65
C ASN B 168 18.68 -24.93 14.73
C ASN B 168 18.81 -24.91 14.74
N ARG B 169 18.56 -23.64 14.45
CA ARG B 169 17.97 -22.74 15.44
C ARG B 169 16.50 -23.04 15.59
N LEU B 170 15.83 -23.32 14.48
CA LEU B 170 14.44 -23.71 14.55
C LEU B 170 14.22 -24.93 15.39
N ASP B 171 15.04 -25.94 15.19
CA ASP B 171 14.86 -27.16 15.97
C ASP B 171 15.07 -26.87 17.45
N GLN B 172 16.03 -26.01 17.77
CA GLN B 172 16.28 -25.68 19.15
C GLN B 172 15.07 -24.99 19.77
N VAL B 173 14.50 -24.04 19.05
CA VAL B 173 13.35 -23.29 19.58
C VAL B 173 12.13 -24.23 19.72
N LYS B 174 11.97 -25.16 18.78
CA LYS B 174 10.85 -26.11 18.91
C LYS B 174 11.00 -26.92 20.18
N LEU B 175 12.23 -27.32 20.50
CA LEU B 175 12.48 -28.06 21.73
C LEU B 175 12.16 -27.22 22.95
N GLN B 176 12.52 -25.94 22.92
CA GLN B 176 12.20 -25.09 24.08
C GLN B 176 10.69 -24.94 24.29
N PHE B 177 9.97 -24.71 23.19
CA PHE B 177 8.52 -24.67 23.28
C PHE B 177 7.93 -25.96 23.82
N ALA B 178 8.45 -27.09 23.38
CA ALA B 178 7.93 -28.35 23.84
C ALA B 178 8.10 -28.47 25.37
N GLU B 179 9.24 -27.97 25.85
CA GLU B 179 9.57 -28.08 27.28
C GLU B 179 8.58 -27.23 28.10
N GLN B 180 8.02 -26.19 27.47
CA GLN B 180 7.03 -25.33 28.10
C GLN B 180 5.58 -25.84 27.87
N GLY B 181 5.46 -27.05 27.30
CA GLY B 181 4.16 -27.67 27.07
C GLY B 181 3.45 -27.27 25.77
N PHE B 182 4.16 -26.63 24.84
CA PHE B 182 3.52 -26.17 23.57
C PHE B 182 4.11 -26.96 22.42
N ASN B 183 3.31 -27.64 21.63
CA ASN B 183 3.81 -28.21 20.38
C ASN B 183 3.78 -27.14 19.29
N SER B 184 4.83 -27.07 18.48
CA SER B 184 4.90 -26.00 17.50
C SER B 184 5.44 -26.53 16.20
N GLU B 185 5.15 -25.80 15.13
CA GLU B 185 5.55 -26.21 13.78
C GLU B 185 5.93 -24.95 12.99
N LEU B 186 6.91 -25.07 12.12
CA LEU B 186 7.11 -24.01 11.10
C LEU B 186 5.78 -23.79 10.38
N PHE B 187 5.38 -22.53 10.12
CA PHE B 187 3.99 -22.30 9.77
C PHE B 187 3.50 -23.11 8.58
N TYR B 188 4.35 -23.26 7.57
CA TYR B 188 3.88 -24.01 6.40
C TYR B 188 4.01 -25.54 6.53
N GLU B 189 4.52 -25.99 7.68
CA GLU B 189 4.56 -27.41 8.01
C GLU B 189 3.50 -27.75 9.06
N ASN B 190 2.68 -26.78 9.45
CA ASN B 190 1.72 -27.03 10.52
C ASN B 190 0.45 -27.65 9.96
N LYS B 191 0.20 -28.91 10.28
CA LYS B 191 -1.02 -29.61 9.84
C LYS B 191 -2.17 -29.51 10.85
N ASN B 192 -1.95 -28.81 11.97
CA ASN B 192 -3.03 -28.69 12.97
C ASN B 192 -3.05 -27.27 13.50
N PHE B 193 -3.54 -26.35 12.67
CA PHE B 193 -3.53 -24.92 13.02
C PHE B 193 -4.35 -24.68 14.29
N ALA B 194 -5.38 -25.49 14.52
CA ALA B 194 -6.21 -25.31 15.75
C ALA B 194 -5.47 -25.63 17.04
N ARG B 195 -4.43 -26.44 16.99
CA ARG B 195 -3.89 -26.98 18.24
C ARG B 195 -2.41 -26.76 18.42
N TYR B 196 -1.73 -26.63 17.29
CA TYR B 196 -0.26 -26.43 17.31
C TYR B 196 0.09 -25.00 17.00
N VAL B 197 1.13 -24.52 17.71
CA VAL B 197 1.57 -23.17 17.43
C VAL B 197 2.34 -23.05 16.14
N SER B 198 1.96 -22.10 15.31
CA SER B 198 2.72 -21.82 14.11
C SER B 198 3.89 -20.90 14.40
N LEU B 199 5.05 -21.27 13.89
CA LEU B 199 6.23 -20.47 14.08
C LEU B 199 6.46 -19.62 12.77
N VAL B 200 6.50 -18.26 12.58
N VAL B 200 6.50 -18.26 12.58
CA VAL B 200 6.79 -17.59 11.34
CA VAL B 200 6.78 -17.60 11.32
C VAL B 200 8.09 -16.84 11.52
C VAL B 200 8.07 -16.82 11.49
N PRO B 201 9.05 -17.15 10.67
CA PRO B 201 10.30 -16.41 10.74
C PRO B 201 10.13 -15.04 10.14
N THR B 202 10.66 -14.02 10.79
CA THR B 202 10.53 -12.64 10.34
C THR B 202 11.85 -11.90 10.49
N SER B 203 11.95 -10.76 9.79
CA SER B 203 12.89 -9.72 10.13
C SER B 203 12.15 -8.41 10.10
N ALA B 204 12.15 -7.71 11.22
CA ALA B 204 11.65 -6.34 11.23
C ALA B 204 12.54 -5.38 10.48
N HIS B 205 13.81 -5.75 10.26
CA HIS B 205 14.72 -4.88 9.55
C HIS B 205 14.52 -4.99 8.02
N THR B 206 14.40 -6.20 7.53
CA THR B 206 14.23 -6.35 6.07
C THR B 206 12.78 -6.47 5.67
N GLY B 207 11.88 -6.78 6.61
CA GLY B 207 10.47 -6.92 6.28
C GLY B 207 10.15 -8.34 5.88
N GLU B 208 11.17 -9.18 5.68
CA GLU B 208 10.87 -10.56 5.25
C GLU B 208 10.07 -11.34 6.29
N GLY B 209 9.11 -12.12 5.80
CA GLY B 209 8.23 -12.89 6.70
C GLY B 209 7.09 -12.13 7.33
N ILE B 210 7.20 -10.80 7.31
CA ILE B 210 6.06 -10.04 7.83
C ILE B 210 4.77 -10.26 7.02
N PRO B 211 4.86 -10.39 5.67
CA PRO B 211 3.63 -10.77 4.96
C PRO B 211 3.02 -12.08 5.49
N ASP B 212 3.86 -13.08 5.71
CA ASP B 212 3.35 -14.36 6.27
C ASP B 212 2.71 -14.17 7.65
N MET B 213 3.34 -13.32 8.45
CA MET B 213 2.90 -13.10 9.82
C MET B 213 1.53 -12.42 9.74
N LEU B 214 1.38 -11.40 8.89
CA LEU B 214 0.07 -10.71 8.78
C LEU B 214 -1.04 -11.65 8.32
N LYS B 215 -0.74 -12.51 7.31
CA LYS B 215 -1.74 -13.47 6.88
C LYS B 215 -2.13 -14.40 8.05
N LEU B 216 -1.12 -14.88 8.78
CA LEU B 216 -1.39 -15.78 9.92
C LEU B 216 -2.25 -15.11 10.98
N ILE B 217 -2.04 -13.81 11.29
CA ILE B 217 -2.92 -13.28 12.36
C ILE B 217 -4.36 -13.12 11.81
N VAL B 218 -4.55 -12.86 10.51
CA VAL B 218 -5.93 -12.85 10.01
C VAL B 218 -6.55 -14.27 10.10
N GLN B 219 -5.73 -15.29 9.76
CA GLN B 219 -6.18 -16.68 9.90
C GLN B 219 -6.53 -17.00 11.36
N LEU B 220 -5.76 -16.47 12.32
CA LEU B 220 -6.14 -16.68 13.73
C LEU B 220 -7.52 -16.08 14.02
N CYS B 221 -7.75 -14.87 13.53
CA CYS B 221 -9.05 -14.22 13.75
C CYS B 221 -10.18 -15.02 13.15
N GLN B 222 -9.93 -15.56 11.95
CA GLN B 222 -11.04 -16.12 11.19
C GLN B 222 -11.27 -17.59 11.46
N GLU B 223 -10.23 -18.25 11.96
CA GLU B 223 -10.26 -19.69 12.12
C GLU B 223 -10.10 -20.23 13.54
N ARG B 224 -9.64 -19.39 14.47
CA ARG B 224 -9.47 -19.84 15.86
C ARG B 224 -10.20 -19.01 16.90
N MET B 225 -10.29 -17.71 16.65
CA MET B 225 -11.00 -16.83 17.57
C MET B 225 -12.47 -17.17 17.54
N ALA B 226 -13.15 -17.04 18.67
CA ALA B 226 -14.58 -17.33 18.70
C ALA B 226 -15.29 -16.54 17.60
N SER B 227 -16.18 -17.24 16.87
CA SER B 227 -16.84 -16.62 15.71
C SER B 227 -17.73 -15.45 16.16
N SER B 228 -18.28 -15.48 17.37
CA SER B 228 -19.09 -14.35 17.83
C SER B 228 -18.29 -13.02 17.86
N LEU B 229 -16.97 -13.07 18.06
CA LEU B 229 -16.11 -11.91 18.15
C LEU B 229 -15.77 -11.30 16.79
N MET B 230 -16.25 -11.93 15.71
CA MET B 230 -16.20 -11.30 14.38
C MET B 230 -17.30 -10.22 14.21
N TYR B 231 -18.25 -10.12 15.17
CA TYR B 231 -19.40 -9.22 15.01
C TYR B 231 -19.52 -8.36 16.25
N LEU B 232 -20.11 -7.18 16.09
CA LEU B 232 -20.26 -6.27 17.23
C LEU B 232 -21.39 -6.69 18.15
N SER B 233 -21.11 -6.65 19.44
CA SER B 233 -22.18 -6.88 20.41
C SER B 233 -22.15 -5.77 21.45
N GLU B 234 -22.42 -6.05 22.73
CA GLU B 234 -22.59 -4.98 23.70
C GLU B 234 -21.30 -4.22 23.91
N LEU B 235 -21.40 -2.94 24.24
CA LEU B 235 -20.24 -2.10 24.48
C LEU B 235 -19.35 -2.68 25.52
N GLN B 236 -18.04 -2.69 25.20
CA GLN B 236 -17.06 -2.98 26.22
C GLN B 236 -15.87 -2.03 25.99
N ALA B 237 -15.46 -1.28 26.99
CA ALA B 237 -14.40 -0.32 26.79
C ALA B 237 -13.62 -0.14 28.08
N THR B 238 -12.30 0.05 27.96
CA THR B 238 -11.41 0.15 29.11
C THR B 238 -10.53 1.38 29.04
N VAL B 239 -10.45 2.12 30.13
CA VAL B 239 -9.55 3.25 30.19
C VAL B 239 -8.10 2.76 30.30
N LEU B 240 -7.25 3.24 29.38
CA LEU B 240 -5.80 2.97 29.45
C LEU B 240 -5.02 3.97 30.25
N GLU B 241 -5.33 5.23 30.04
CA GLU B 241 -4.51 6.26 30.64
C GLU B 241 -5.31 7.55 30.71
N VAL B 242 -4.97 8.37 31.68
CA VAL B 242 -5.55 9.66 31.84
C VAL B 242 -4.45 10.66 31.49
N LYS B 243 -4.67 11.52 30.51
CA LYS B 243 -3.56 12.39 29.98
C LYS B 243 -4.06 13.79 29.75
N ALA B 244 -3.39 14.78 30.34
CA ALA B 244 -3.69 16.16 29.99
C ALA B 244 -3.01 16.47 28.67
N ILE B 245 -3.76 17.10 27.77
CA ILE B 245 -3.41 17.31 26.37
C ILE B 245 -3.64 18.76 25.99
N GLU B 246 -2.72 19.36 25.25
CA GLU B 246 -2.90 20.75 24.83
C GLU B 246 -4.22 20.95 24.10
N GLY B 247 -5.02 21.91 24.56
CA GLY B 247 -6.27 22.22 23.89
C GLY B 247 -7.45 21.37 24.30
N PHE B 248 -7.23 20.16 24.80
CA PHE B 248 -8.39 19.30 25.11
C PHE B 248 -8.58 19.02 26.58
N GLY B 249 -7.71 19.56 27.44
CA GLY B 249 -7.81 19.38 28.88
C GLY B 249 -7.38 17.96 29.28
N VAL B 250 -7.91 17.48 30.39
CA VAL B 250 -7.64 16.09 30.80
C VAL B 250 -8.49 15.13 29.98
N THR B 251 -7.82 14.28 29.19
CA THR B 251 -8.49 13.35 28.31
C THR B 251 -8.26 11.92 28.82
N ILE B 252 -9.01 10.96 28.32
CA ILE B 252 -8.69 9.54 28.54
C ILE B 252 -8.41 8.85 27.23
N ASP B 253 -7.41 7.97 27.26
CA ASP B 253 -7.20 7.03 26.15
C ASP B 253 -7.89 5.76 26.54
N VAL B 254 -8.63 5.20 25.62
CA VAL B 254 -9.54 4.08 25.86
C VAL B 254 -9.38 3.00 24.80
N ILE B 255 -9.35 1.73 25.23
CA ILE B 255 -9.51 0.68 24.22
C ILE B 255 -11.01 0.35 24.14
N LEU B 256 -11.60 0.59 22.98
CA LEU B 256 -13.00 0.21 22.68
C LEU B 256 -12.90 -1.25 22.21
N SER B 257 -13.30 -2.19 23.05
CA SER B 257 -13.18 -3.63 22.74
C SER B 257 -14.36 -4.16 22.01
N ASN B 258 -15.56 -3.63 22.24
CA ASN B 258 -16.75 -4.10 21.53
C ASN B 258 -17.79 -2.98 21.53
N GLY B 259 -18.80 -3.13 20.67
CA GLY B 259 -19.80 -2.09 20.52
C GLY B 259 -19.29 -0.83 19.84
N ILE B 260 -19.98 0.30 20.09
CA ILE B 260 -19.82 1.53 19.29
C ILE B 260 -19.87 2.72 20.24
N LEU B 261 -18.93 3.64 20.08
CA LEU B 261 -18.97 4.94 20.82
C LEU B 261 -19.33 6.04 19.91
N ARG B 262 -20.00 7.05 20.47
CA ARG B 262 -20.47 8.20 19.66
C ARG B 262 -20.16 9.49 20.34
N GLU B 263 -19.78 10.50 19.54
CA GLU B 263 -19.70 11.86 20.05
C GLU B 263 -20.99 12.23 20.73
N GLY B 264 -20.87 12.85 21.90
CA GLY B 264 -22.05 13.28 22.64
C GLY B 264 -22.55 12.22 23.61
N ASP B 265 -22.03 11.01 23.53
CA ASP B 265 -22.56 9.96 24.43
C ASP B 265 -22.37 10.37 25.89
N ARG B 266 -23.37 10.08 26.72
N ARG B 266 -23.36 10.04 26.72
CA ARG B 266 -23.19 10.24 28.16
CA ARG B 266 -23.25 10.16 28.16
C ARG B 266 -22.48 8.96 28.61
C ARG B 266 -22.53 8.93 28.72
N ILE B 267 -21.31 9.12 29.22
CA ILE B 267 -20.49 7.99 29.67
C ILE B 267 -20.33 8.01 31.19
N VAL B 268 -20.15 6.81 31.73
N VAL B 268 -20.13 6.82 31.74
CA VAL B 268 -19.88 6.68 33.15
CA VAL B 268 -19.92 6.68 33.18
C VAL B 268 -18.64 5.80 33.26
C VAL B 268 -18.77 5.71 33.42
N LEU B 269 -17.82 6.13 34.24
CA LEU B 269 -16.57 5.40 34.49
C LEU B 269 -16.22 5.62 35.94
N CYS B 270 -15.20 4.87 36.40
CA CYS B 270 -14.75 5.04 37.78
C CYS B 270 -13.76 6.17 37.98
N GLY B 271 -13.96 6.91 39.06
CA GLY B 271 -13.07 8.02 39.44
C GLY B 271 -12.52 7.75 40.84
N LEU B 272 -11.45 8.44 41.21
N LEU B 272 -11.44 8.45 41.18
CA LEU B 272 -10.92 8.27 42.56
CA LEU B 272 -10.87 8.43 42.52
C LEU B 272 -11.91 8.58 43.66
C LEU B 272 -11.88 8.59 43.62
N GLU B 273 -12.87 9.46 43.41
CA GLU B 273 -13.80 9.85 44.43
C GLU B 273 -15.21 9.30 44.15
N GLY B 274 -15.31 8.29 43.31
CA GLY B 274 -16.60 7.76 42.92
C GLY B 274 -16.83 7.86 41.44
N PRO B 275 -18.01 7.44 40.99
CA PRO B 275 -18.30 7.45 39.57
C PRO B 275 -18.21 8.86 38.98
N ILE B 276 -17.72 8.86 37.72
CA ILE B 276 -17.72 10.06 36.89
C ILE B 276 -18.79 9.87 35.83
N LYS B 277 -19.66 10.87 35.66
CA LYS B 277 -20.65 10.90 34.59
C LYS B 277 -20.43 12.15 33.75
N THR B 278 -20.22 11.98 32.44
CA THR B 278 -19.89 13.15 31.64
C THR B 278 -20.32 12.86 30.21
N ASN B 279 -20.07 13.79 29.28
CA ASN B 279 -20.42 13.56 27.88
C ASN B 279 -19.21 13.72 27.00
N ILE B 280 -19.11 12.84 25.99
CA ILE B 280 -18.00 12.87 25.06
C ILE B 280 -18.08 14.12 24.21
N ARG B 281 -17.13 15.01 24.38
CA ARG B 281 -17.08 16.26 23.60
C ARG B 281 -16.34 16.05 22.28
N ALA B 282 -15.26 15.28 22.34
CA ALA B 282 -14.63 14.86 21.12
C ALA B 282 -14.25 13.42 21.22
N LEU B 283 -14.49 12.71 20.15
CA LEU B 283 -14.10 11.30 20.04
C LEU B 283 -13.03 11.20 18.97
N LEU B 284 -11.80 10.91 19.40
CA LEU B 284 -10.64 11.11 18.52
C LEU B 284 -9.94 9.78 18.28
N THR B 285 -9.37 9.67 17.09
CA THR B 285 -8.42 8.56 16.85
C THR B 285 -7.17 9.13 16.20
N PRO B 286 -6.06 8.38 16.28
CA PRO B 286 -4.95 8.73 15.39
C PRO B 286 -5.37 8.50 13.91
N ALA B 287 -4.55 8.96 12.95
CA ALA B 287 -4.70 8.49 11.58
C ALA B 287 -4.57 6.96 11.51
N PRO B 288 -5.14 6.32 10.45
CA PRO B 288 -4.93 4.87 10.37
C PRO B 288 -3.44 4.55 10.36
N MET B 289 -3.09 3.42 10.97
CA MET B 289 -1.74 2.93 10.99
C MET B 289 -0.81 3.87 11.71
N ARG B 290 -1.33 4.64 12.67
N ARG B 290 -1.35 4.64 12.66
CA ARG B 290 -0.47 5.45 13.54
CA ARG B 290 -0.59 5.51 13.57
C ARG B 290 -0.84 5.20 15.00
C ARG B 290 -0.84 5.11 15.01
N GLU B 291 0.17 5.33 15.85
CA GLU B 291 0.05 4.95 17.27
C GLU B 291 -0.78 5.87 18.12
N LEU B 292 -1.59 5.27 18.95
CA LEU B 292 -2.29 6.02 20.00
C LEU B 292 -1.32 6.60 21.01
N ARG B 293 -0.17 5.98 21.25
CA ARG B 293 0.68 6.45 22.35
C ARG B 293 1.63 7.61 21.94
N ILE B 294 1.52 8.03 20.68
CA ILE B 294 2.33 9.09 20.13
C ILE B 294 1.49 10.32 19.87
N LYS B 295 1.98 11.44 20.35
CA LYS B 295 1.33 12.71 20.12
C LYS B 295 1.25 12.98 18.63
N GLY B 296 0.09 13.40 18.17
CA GLY B 296 -0.07 13.79 16.78
C GLY B 296 -1.34 14.60 16.72
N GLN B 297 -1.81 14.95 15.53
CA GLN B 297 -3.15 15.49 15.46
C GLN B 297 -4.04 14.31 15.35
N TYR B 298 -5.27 14.54 15.75
CA TYR B 298 -6.22 13.49 15.90
C TYR B 298 -7.31 13.74 14.93
N ILE B 299 -7.93 12.65 14.52
CA ILE B 299 -9.10 12.72 13.67
C ILE B 299 -10.33 12.71 14.57
N HIS B 300 -11.27 13.60 14.32
CA HIS B 300 -12.53 13.60 15.04
C HIS B 300 -13.57 12.72 14.35
N HIS B 301 -14.31 11.96 15.14
CA HIS B 301 -15.33 11.07 14.63
C HIS B 301 -16.66 11.31 15.30
N LYS B 302 -17.73 11.23 14.52
CA LYS B 302 -19.07 11.13 15.06
C LYS B 302 -19.27 9.80 15.78
N GLU B 303 -18.75 8.73 15.19
CA GLU B 303 -18.82 7.41 15.82
C GLU B 303 -17.60 6.55 15.52
N VAL B 304 -17.26 5.69 16.46
CA VAL B 304 -16.19 4.71 16.27
C VAL B 304 -16.68 3.32 16.62
N LYS B 305 -16.51 2.38 15.71
CA LYS B 305 -16.91 0.96 15.94
C LYS B 305 -15.72 0.16 16.41
N ALA B 306 -15.96 -0.87 17.20
CA ALA B 306 -14.91 -1.65 17.81
C ALA B 306 -14.22 -2.64 16.86
N ALA B 307 -13.00 -3.01 17.20
CA ALA B 307 -12.16 -2.48 18.25
C ALA B 307 -11.33 -1.32 17.73
N GLN B 308 -11.05 -0.34 18.57
CA GLN B 308 -10.21 0.78 18.22
C GLN B 308 -9.62 1.35 19.48
N GLY B 309 -8.53 2.09 19.33
CA GLY B 309 -7.99 2.87 20.43
C GLY B 309 -8.41 4.32 20.20
N VAL B 310 -9.10 4.90 21.20
CA VAL B 310 -9.63 6.24 21.02
C VAL B 310 -9.17 7.14 22.13
N LYS B 311 -9.22 8.44 21.88
CA LYS B 311 -8.98 9.41 22.94
C LYS B 311 -10.29 10.14 23.10
N ILE B 312 -10.69 10.31 24.36
CA ILE B 312 -11.97 11.04 24.61
C ILE B 312 -11.67 12.32 25.31
N SER B 313 -12.21 13.43 24.77
CA SER B 313 -12.20 14.71 25.52
C SER B 313 -13.56 14.89 26.14
N ALA B 314 -13.58 15.25 27.43
CA ALA B 314 -14.87 15.40 28.17
C ALA B 314 -14.56 16.10 29.44
N PRO B 315 -15.52 16.86 29.98
CA PRO B 315 -15.22 17.54 31.26
C PRO B 315 -15.23 16.51 32.41
N GLY B 316 -14.50 16.82 33.46
CA GLY B 316 -14.61 16.03 34.68
C GLY B 316 -13.83 14.74 34.70
N LEU B 317 -12.82 14.62 33.84
CA LEU B 317 -12.06 13.34 33.82
C LEU B 317 -10.87 13.34 34.78
N GLU B 318 -10.64 14.43 35.52
CA GLU B 318 -9.40 14.59 36.32
C GLU B 318 -9.07 13.36 37.17
N GLY B 319 -10.08 12.78 37.78
CA GLY B 319 -9.80 11.65 38.67
C GLY B 319 -10.06 10.26 38.08
N ALA B 320 -10.13 10.11 36.77
CA ALA B 320 -10.41 8.82 36.14
C ALA B 320 -9.35 7.82 36.50
N ILE B 321 -9.77 6.56 36.65
CA ILE B 321 -8.88 5.49 37.10
C ILE B 321 -8.46 4.62 35.89
N ALA B 322 -7.14 4.47 35.71
CA ALA B 322 -6.65 3.64 34.61
C ALA B 322 -7.05 2.18 34.89
N GLY B 323 -7.58 1.53 33.85
CA GLY B 323 -8.11 0.20 33.98
C GLY B 323 -9.62 0.22 34.18
N SER B 324 -10.21 1.38 34.44
CA SER B 324 -11.67 1.41 34.62
C SER B 324 -12.42 0.96 33.38
N ARG B 325 -13.54 0.26 33.59
CA ARG B 325 -14.49 0.15 32.48
C ARG B 325 -15.26 1.44 32.24
N LEU B 326 -15.82 1.53 31.03
CA LEU B 326 -16.53 2.71 30.63
C LEU B 326 -17.86 2.25 30.10
N LEU B 327 -18.96 2.86 30.56
CA LEU B 327 -20.32 2.52 30.10
C LEU B 327 -20.98 3.70 29.44
N VAL B 328 -21.95 3.44 28.56
CA VAL B 328 -22.73 4.49 27.94
C VAL B 328 -24.15 4.42 28.43
N VAL B 329 -24.74 5.59 28.74
CA VAL B 329 -26.16 5.63 29.10
C VAL B 329 -26.98 5.52 27.85
N GLY B 330 -27.70 4.42 27.72
CA GLY B 330 -28.61 4.21 26.61
C GLY B 330 -30.01 4.71 26.90
N PRO B 331 -30.90 4.62 25.89
CA PRO B 331 -32.31 5.07 25.90
C PRO B 331 -33.11 4.49 27.07
N ASP B 332 -32.80 3.26 27.43
CA ASP B 332 -33.56 2.53 28.44
C ASP B 332 -32.81 2.46 29.79
N ASP B 333 -31.71 3.18 29.89
CA ASP B 333 -30.93 3.26 31.12
C ASP B 333 -31.38 4.40 32.03
N ASP B 334 -31.20 4.21 33.33
CA ASP B 334 -31.32 5.30 34.29
C ASP B 334 -29.91 5.78 34.61
N GLU B 335 -29.67 7.08 34.52
CA GLU B 335 -28.28 7.56 34.66
C GLU B 335 -27.63 7.24 36.02
N GLU B 336 -28.43 7.32 37.07
CA GLU B 336 -27.91 7.06 38.41
C GLU B 336 -27.71 5.57 38.72
N GLU B 337 -28.56 4.75 38.15
CA GLU B 337 -28.40 3.31 38.24
C GLU B 337 -27.10 2.93 37.60
N LEU B 338 -26.77 3.54 36.46
CA LEU B 338 -25.54 3.22 35.77
C LEU B 338 -24.33 3.63 36.61
N GLU B 339 -24.44 4.76 37.29
CA GLU B 339 -23.37 5.23 38.16
C GLU B 339 -23.13 4.24 39.29
N GLU B 340 -24.22 3.74 39.87
CA GLU B 340 -24.13 2.75 40.94
C GLU B 340 -23.50 1.47 40.42
N GLU B 341 -23.88 1.08 39.22
CA GLU B 341 -23.38 -0.13 38.57
C GLU B 341 -21.89 -0.15 38.25
N VAL B 342 -21.36 0.98 37.80
CA VAL B 342 -20.01 1.03 37.27
C VAL B 342 -18.91 0.68 38.27
N GLU B 343 -19.05 1.15 39.51
CA GLU B 343 -18.05 0.91 40.54
C GLU B 343 -18.14 -0.50 41.12
PG GSP C . 1.67 -6.85 -11.45
O3B GSP C . 2.30 -7.64 -12.70
S1G GSP C . 1.82 -8.07 -9.93
O2G GSP C . 2.47 -5.49 -11.17
O3G GSP C . 0.15 -6.52 -11.76
PB GSP C . 2.74 -7.02 -14.12
O1B GSP C . 1.54 -6.79 -14.97
O2B GSP C . 3.66 -5.87 -13.88
PA GSP C . 5.10 -8.51 -14.60
O1A GSP C . 5.38 -8.64 -13.13
O2A GSP C . 5.86 -7.50 -15.39
O3A GSP C . 3.53 -8.25 -14.78
O5' GSP C . 5.25 -9.94 -15.30
C5' GSP C . 4.67 -11.08 -14.68
C4' GSP C . 5.27 -12.35 -15.25
O4' GSP C . 4.90 -12.49 -16.62
C3' GSP C . 6.78 -12.31 -15.22
O3' GSP C . 7.29 -13.63 -15.00
C2' GSP C . 7.15 -11.88 -16.62
O2' GSP C . 8.45 -12.33 -17.00
C1' GSP C . 6.06 -12.56 -17.42
N9 GSP C . 5.85 -11.86 -18.70
C8 GSP C . 5.56 -10.56 -18.85
N7 GSP C . 5.45 -10.25 -20.17
C5 GSP C . 5.67 -11.38 -20.85
C6 GSP C . 5.70 -11.77 -22.27
O6 GSP C . 5.48 -10.94 -23.16
N1 GSP C . 5.97 -13.04 -22.55
C2 GSP C . 6.21 -13.96 -21.61
N2 GSP C . 6.47 -15.23 -22.00
N3 GSP C . 6.19 -13.68 -20.29
C4 GSP C . 5.94 -12.43 -19.88
MG MG D . 4.03 -4.79 -12.20
NA NA E . 3.90 -9.22 -11.34
C1 GOL F . -3.43 17.37 -15.44
O1 GOL F . -3.97 18.57 -16.01
C2 GOL F . -3.75 16.14 -16.30
O2 GOL F . -5.11 15.77 -16.11
C3 GOL F . -2.85 14.96 -15.90
O3 GOL F . -3.01 14.61 -14.52
C1 GOL G . -9.10 13.04 -23.60
O1 GOL G . -8.61 14.29 -23.15
C2 GOL G . -10.46 13.23 -24.23
O2 GOL G . -10.40 12.89 -25.61
C3 GOL G . -11.48 12.34 -23.53
O3 GOL G . -11.66 12.76 -22.18
C1 GOL H . 16.18 20.92 -15.70
O1 GOL H . 17.59 20.89 -15.77
C2 GOL H . 15.58 21.07 -17.09
O2 GOL H . 15.94 19.93 -17.88
C3 GOL H . 14.06 21.13 -16.96
O3 GOL H . 13.60 19.96 -16.29
C1 GOL I . 4.73 28.75 -14.17
C1 GOL I . 5.28 28.85 -14.52
O1 GOL I . 5.11 29.61 -15.24
O1 GOL I . 5.23 29.76 -15.62
C2 GOL I . 3.31 28.24 -14.39
C2 GOL I . 3.88 28.65 -13.95
O2 GOL I . 2.88 28.55 -15.72
O2 GOL I . 3.94 28.81 -12.53
C3 GOL I . 3.24 26.74 -14.19
C3 GOL I . 3.37 27.25 -14.28
O3 GOL I . 2.99 26.44 -12.82
O3 GOL I . 3.01 26.57 -13.07
PG GSP J . 10.73 -3.54 24.27
O3B GSP J . 11.51 -4.04 22.96
S1G GSP J . 12.12 -2.89 25.48
O2G GSP J . 9.96 -4.76 24.96
O3G GSP J . 9.69 -2.41 23.89
PB GSP J . 10.84 -4.49 21.56
O1B GSP J . 10.44 -5.94 21.66
O2B GSP J . 9.82 -3.48 21.13
PA GSP J . 12.54 -3.12 19.74
O1A GSP J . 11.58 -2.90 18.61
O2A GSP J . 12.82 -2.02 20.71
O3A GSP J . 12.11 -4.41 20.58
O5' GSP J . 13.92 -3.60 19.09
C5' GSP J . 15.06 -3.82 19.91
C4' GSP J . 16.32 -3.74 19.06
O4' GSP J . 16.37 -4.87 18.20
C3' GSP J . 16.33 -2.51 18.17
O3' GSP J . 17.67 -2.04 18.07
C2' GSP J . 15.92 -3.04 16.82
O2' GSP J . 16.47 -2.29 15.74
C1' GSP J . 16.49 -4.45 16.85
N9 GSP J . 15.69 -5.34 15.98
C8 GSP J . 14.37 -5.55 16.02
N7 GSP J . 13.99 -6.44 15.08
C5 GSP J . 15.09 -6.79 14.40
C6 GSP J . 15.39 -7.69 13.28
O6 GSP J . 14.49 -8.34 12.71
N1 GSP J . 16.67 -7.77 12.90
C2 GSP J . 17.65 -7.08 13.48
N2 GSP J . 18.92 -7.23 13.02
N3 GSP J . 17.46 -6.25 14.52
C4 GSP J . 16.21 -6.07 15.01
MG MG K . 8.86 -1.95 22.13
NA NA L . 13.46 -2.18 23.02
C1 GOL M . 4.63 -3.56 4.55
O1 GOL M . 4.88 -2.41 5.37
C2 GOL M . 4.81 -4.85 5.35
O2 GOL M . 5.96 -4.67 6.19
C3 GOL M . 5.09 -6.06 4.45
O3 GOL M . 4.27 -6.12 3.28
C1 GOL N . -27.86 10.31 27.32
O1 GOL N . -28.23 10.95 28.55
C2 GOL N . -28.48 8.93 27.25
O2 GOL N . -29.85 8.99 27.65
C3 GOL N . -28.40 8.40 25.82
O3 GOL N . -29.47 7.49 25.57
C1 GOL O . -19.91 17.64 33.76
O1 GOL O . -20.59 16.61 33.05
C2 GOL O . -19.12 17.08 34.94
O2 GOL O . -18.00 17.93 35.18
C3 GOL O . -18.61 15.68 34.64
O3 GOL O . -18.45 14.94 35.84
#